data_7KBN
#
_entry.id   7KBN
#
_cell.length_a   184.090
_cell.length_b   60.590
_cell.length_c   67.330
_cell.angle_alpha   90.000
_cell.angle_beta   94.630
_cell.angle_gamma   90.000
#
_symmetry.space_group_name_H-M   'C 1 2 1'
#
loop_
_entity.id
_entity.type
_entity.pdbx_description
1 polymer 'Tryptophan synthase alpha chain'
2 polymer 'Tryptophan synthase beta chain'
3 non-polymer 'DIMETHYL SULFOXIDE'
4 non-polymer '2-({[4-(TRIFLUOROMETHOXY)PHENYL]SULFONYL}AMINO)ETHYL DIHYDROGEN PHOSPHATE'
5 non-polymer 1,2-ETHANEDIOL
6 non-polymer 'CHLORIDE ION'
7 non-polymer '(2E)-2-[({3-hydroxy-2-methyl-5-[(phosphonooxy)methyl]pyridin-4-yl}methyl)imino]-3-[(2-hydroxyphenyl)amino]propanoic acid'
8 non-polymer DI(HYDROXYETHYL)ETHER
9 non-polymer 2-AMINOPHENOL
10 non-polymer 'CESIUM ION'
11 water water
#
loop_
_entity_poly.entity_id
_entity_poly.type
_entity_poly.pdbx_seq_one_letter_code
_entity_poly.pdbx_strand_id
1 'polypeptide(L)'
;MERYENLFAQLNDRREGAFVPFVTLGDPGIEQSLKIIDTLIDAGADALELGVPFSDPLADGPTIQNANLRAFAAGVTPAQ
CFEMLALIREKHPTIPIGLLMYANLVFNNGIDAFYARCEQVGVDSVLVADVPVEESAPFRQAALRHNIAPIFICPPNADD
DLLRQVASYGRGYTYLLSRSGVTGAENRGALPLHHLIEKLKEYHAAPALQGFGISSPEQVSAAVRAGAAGAISGSAIVKI
IEKNLASPKQMLAELRSFVSAMKAASRA
;
A
2 'polypeptide(L)'
;MTTLLNPYFGEFGGMYVPQILMPALNQLEEAFVSAQKDPEFQAQFADLLKNYAGRPTALTKCQNITAGTRTTLYLKREDL
LHGGAHKTNQVLGQALLAKRMGKSEIIAETGAGAHGVASALASALLGLKCRIYMGAKDVERQSPNVFRMRLMGAEVIPVH
SGSATLKDACNEALRDWSGSYETAHYMLGTAAGPHPYPTIVREFQRMIGEETKAQILDKEGRLPDAVIACVGGGSNAIGM
FADFINDTSVGLIGVEPGGHGIETGEHGAPLKHGRVGIYFGMKAPMMQTADGQIEESYSISAGLDFPSVGPQHAYLNSIG
RADYVSITDDEALEAFKTLCRHEGIIPALESSHALAHALKMMREQPEKEQLLVVNLSGRGDKDIFTVHDILKARGEI
;
B
#
loop_
_chem_comp.id
_chem_comp.type
_chem_comp.name
_chem_comp.formula
1D0 non-polymer '(2E)-2-[({3-hydroxy-2-methyl-5-[(phosphonooxy)methyl]pyridin-4-yl}methyl)imino]-3-[(2-hydroxyphenyl)amino]propanoic acid' 'C17 H20 N3 O8 P'
2AF non-polymer 2-AMINOPHENOL 'C6 H7 N O'
CL non-polymer 'CHLORIDE ION' 'Cl -1'
CS non-polymer 'CESIUM ION' 'Cs 1'
DMS non-polymer 'DIMETHYL SULFOXIDE' 'C2 H6 O S'
EDO non-polymer 1,2-ETHANEDIOL 'C2 H6 O2'
F9F non-polymer '2-({[4-(TRIFLUOROMETHOXY)PHENYL]SULFONYL}AMINO)ETHYL DIHYDROGEN PHOSPHATE' 'C9 H11 F3 N O7 P S'
PEG non-polymer DI(HYDROXYETHYL)ETHER 'C4 H10 O3'
#
# COMPACT_ATOMS: atom_id res chain seq x y z
N MET A 1 -20.18 -8.55 26.47
CA MET A 1 -20.74 -7.65 27.47
C MET A 1 -21.50 -6.51 26.81
N GLU A 2 -21.88 -5.51 27.61
CA GLU A 2 -22.77 -4.44 27.17
C GLU A 2 -22.23 -3.06 27.52
N ARG A 3 -20.90 -2.90 27.51
CA ARG A 3 -20.32 -1.71 28.16
C ARG A 3 -20.65 -0.43 27.41
N TYR A 4 -20.66 -0.46 26.07
CA TYR A 4 -21.06 0.74 25.33
C TYR A 4 -22.52 1.07 25.57
N GLU A 5 -23.39 0.06 25.47
CA GLU A 5 -24.82 0.28 25.67
C GLU A 5 -25.10 0.88 27.04
N ASN A 6 -24.45 0.35 28.08
CA ASN A 6 -24.64 0.89 29.42
C ASN A 6 -24.09 2.31 29.52
N LEU A 7 -22.94 2.57 28.88
CA LEU A 7 -22.36 3.90 28.92
C LEU A 7 -23.30 4.94 28.29
N PHE A 8 -23.76 4.68 27.07
CA PHE A 8 -24.60 5.66 26.39
C PHE A 8 -25.96 5.81 27.08
N ALA A 9 -26.46 4.75 27.71
CA ALA A 9 -27.70 4.89 28.48
C ALA A 9 -27.49 5.80 29.69
N GLN A 10 -26.35 5.65 30.38
CA GLN A 10 -26.04 6.53 31.51
C GLN A 10 -25.78 7.95 31.03
N LEU A 11 -25.05 8.10 29.92
CA LEU A 11 -24.77 9.43 29.39
C LEU A 11 -26.06 10.14 28.96
N ASN A 12 -27.00 9.41 28.37
CA ASN A 12 -28.25 10.04 27.94
C ASN A 12 -29.05 10.53 29.14
N ASP A 13 -29.08 9.74 30.23
CA ASP A 13 -29.77 10.17 31.43
C ASP A 13 -29.18 11.45 31.98
N ARG A 14 -27.86 11.58 31.96
CA ARG A 14 -27.22 12.82 32.36
C ARG A 14 -27.21 13.86 31.25
N ARG A 15 -27.85 13.57 30.12
CA ARG A 15 -27.95 14.49 28.99
C ARG A 15 -26.58 15.05 28.59
N GLU A 16 -25.60 14.15 28.47
CA GLU A 16 -24.26 14.58 28.10
C GLU A 16 -23.68 13.65 27.05
N GLY A 17 -22.60 14.10 26.43
CA GLY A 17 -21.90 13.31 25.45
C GLY A 17 -20.71 12.57 26.05
N ALA A 18 -20.16 11.66 25.25
CA ALA A 18 -18.96 10.94 25.63
C ALA A 18 -17.72 11.66 25.14
N PHE A 19 -16.69 11.69 25.96
CA PHE A 19 -15.35 12.05 25.49
C PHE A 19 -14.47 10.81 25.53
N VAL A 20 -13.87 10.47 24.40
CA VAL A 20 -13.12 9.23 24.23
C VAL A 20 -11.72 9.56 23.73
N PRO A 21 -10.70 9.54 24.59
CA PRO A 21 -9.33 9.74 24.11
C PRO A 21 -8.78 8.49 23.43
N PHE A 22 -7.81 8.72 22.56
CA PHE A 22 -7.03 7.64 21.95
C PHE A 22 -5.57 7.82 22.35
N VAL A 23 -4.90 6.71 22.66
CA VAL A 23 -3.44 6.66 22.76
C VAL A 23 -2.97 5.37 22.13
N THR A 24 -1.67 5.32 21.84
CA THR A 24 -1.04 4.08 21.39
C THR A 24 -0.61 3.29 22.62
N LEU A 25 -0.98 2.02 22.67
CA LEU A 25 -0.55 1.16 23.78
C LEU A 25 0.97 1.04 23.78
N GLY A 26 1.57 1.32 24.94
CA GLY A 26 3.01 1.20 25.08
C GLY A 26 3.79 2.41 24.64
N ASP A 27 3.12 3.53 24.39
CA ASP A 27 3.78 4.80 24.10
C ASP A 27 3.82 5.62 25.37
N PRO A 28 5.00 6.02 25.89
CA PRO A 28 6.36 5.83 25.36
C PRO A 28 7.01 4.55 25.88
N GLY A 29 6.30 3.85 26.75
CA GLY A 29 6.75 2.60 27.32
C GLY A 29 5.55 1.94 27.94
N ILE A 30 5.69 0.65 28.27
CA ILE A 30 4.56 -0.10 28.81
C ILE A 30 4.06 0.52 30.11
N GLU A 31 4.97 0.70 31.07
CA GLU A 31 4.45 1.14 32.37
C GLU A 31 4.08 2.62 32.38
N GLN A 32 4.77 3.46 31.60
CA GLN A 32 4.32 4.84 31.48
C GLN A 32 3.00 4.92 30.73
N SER A 33 2.77 4.03 29.77
CA SER A 33 1.50 4.00 29.04
C SER A 33 0.37 3.60 29.97
N LEU A 34 0.61 2.60 30.84
CA LEU A 34 -0.41 2.21 31.81
C LEU A 34 -0.80 3.37 32.73
N LYS A 35 0.19 4.12 33.22
CA LYS A 35 -0.13 5.29 34.05
C LYS A 35 -0.86 6.37 33.26
N ILE A 36 -0.48 6.56 31.99
CA ILE A 36 -1.18 7.53 31.15
C ILE A 36 -2.66 7.17 31.04
N ILE A 37 -2.94 5.90 30.78
CA ILE A 37 -4.31 5.46 30.60
C ILE A 37 -5.09 5.61 31.90
N ASP A 38 -4.48 5.30 33.05
CA ASP A 38 -5.18 5.53 34.31
C ASP A 38 -5.48 7.01 34.51
N THR A 39 -4.56 7.88 34.08
CA THR A 39 -4.80 9.32 34.22
C THR A 39 -5.92 9.78 33.30
N LEU A 40 -5.99 9.26 32.07
CA LEU A 40 -7.10 9.59 31.19
C LEU A 40 -8.44 9.20 31.83
N ILE A 41 -8.50 8.03 32.46
CA ILE A 41 -9.74 7.58 33.06
C ILE A 41 -10.07 8.39 34.30
N ASP A 42 -9.07 8.64 35.15
CA ASP A 42 -9.34 9.41 36.36
C ASP A 42 -9.74 10.85 36.04
N ALA A 43 -9.27 11.38 34.91
CA ALA A 43 -9.63 12.72 34.49
C ALA A 43 -11.00 12.81 33.83
N GLY A 44 -11.65 11.67 33.56
CA GLY A 44 -13.01 11.71 33.10
C GLY A 44 -13.31 11.06 31.76
N ALA A 45 -12.37 10.32 31.19
CA ALA A 45 -12.64 9.63 29.93
C ALA A 45 -13.82 8.68 30.10
N ASP A 46 -14.77 8.73 29.15
CA ASP A 46 -15.93 7.86 29.20
C ASP A 46 -15.64 6.48 28.62
N ALA A 47 -14.75 6.43 27.64
CA ALA A 47 -14.33 5.18 27.02
C ALA A 47 -12.93 5.41 26.50
N LEU A 48 -12.30 4.33 26.04
CA LEU A 48 -10.95 4.41 25.50
C LEU A 48 -10.94 3.86 24.09
N GLU A 49 -10.14 4.48 23.24
CA GLU A 49 -9.72 3.92 21.96
C GLU A 49 -8.21 3.71 22.03
N LEU A 50 -7.75 2.49 21.79
CA LEU A 50 -6.36 2.12 22.06
C LEU A 50 -5.74 1.51 20.82
N GLY A 51 -4.63 2.07 20.37
CA GLY A 51 -3.94 1.55 19.19
C GLY A 51 -2.86 0.54 19.54
N VAL A 52 -2.81 -0.53 18.78
CA VAL A 52 -1.74 -1.53 18.87
C VAL A 52 -0.66 -1.10 17.89
N PRO A 53 0.59 -0.91 18.32
CA PRO A 53 1.62 -0.42 17.40
C PRO A 53 1.71 -1.27 16.15
N PHE A 54 1.68 -0.61 15.00
CA PHE A 54 1.76 -1.27 13.71
C PHE A 54 2.84 -0.62 12.87
N SER A 55 3.51 -1.44 12.06
CA SER A 55 4.66 -0.97 11.31
C SER A 55 4.29 0.09 10.27
N ASP A 56 3.07 0.04 9.74
CA ASP A 56 2.68 0.85 8.58
C ASP A 56 1.26 1.36 8.78
N PRO A 57 1.05 2.30 9.71
CA PRO A 57 -0.30 2.80 10.02
C PRO A 57 -0.79 3.85 9.03
N LEU A 58 -1.36 3.39 7.92
CA LEU A 58 -1.60 4.26 6.77
C LEU A 58 -2.79 5.20 6.94
N ALA A 59 -3.57 5.09 8.01
CA ALA A 59 -4.62 6.07 8.29
C ALA A 59 -4.16 7.13 9.29
N ASP A 60 -2.89 7.13 9.67
CA ASP A 60 -2.40 7.99 10.74
C ASP A 60 -1.39 8.99 10.20
N GLY A 61 -1.51 10.24 10.65
CA GLY A 61 -0.53 11.26 10.33
C GLY A 61 0.67 11.20 11.25
N PRO A 62 1.56 12.20 11.10
CA PRO A 62 2.85 12.16 11.81
C PRO A 62 2.76 11.98 13.32
N THR A 63 1.84 12.66 13.99
CA THR A 63 1.80 12.58 15.45
C THR A 63 1.64 11.14 15.91
N ILE A 64 0.68 10.42 15.34
CA ILE A 64 0.46 9.06 15.81
C ILE A 64 1.43 8.07 15.14
N GLN A 65 1.94 8.38 13.94
CA GLN A 65 3.08 7.61 13.43
C GLN A 65 4.20 7.57 14.46
N ASN A 66 4.55 8.72 15.03
CA ASN A 66 5.65 8.77 15.98
C ASN A 66 5.30 8.08 17.28
N ALA A 67 4.03 8.06 17.68
CA ALA A 67 3.63 7.27 18.82
C ALA A 67 3.92 5.78 18.59
N ASN A 68 3.56 5.30 17.39
CA ASN A 68 3.85 3.91 17.03
C ASN A 68 5.35 3.64 17.11
N LEU A 69 6.15 4.55 16.57
CA LEU A 69 7.60 4.37 16.61
C LEU A 69 8.13 4.33 18.03
N ARG A 70 7.64 5.23 18.89
CA ARG A 70 8.07 5.22 20.29
C ARG A 70 7.78 3.88 20.95
N ALA A 71 6.59 3.33 20.72
CA ALA A 71 6.25 2.03 21.30
C ALA A 71 7.17 0.94 20.75
N PHE A 72 7.47 0.97 19.45
CA PHE A 72 8.38 -0.03 18.91
C PHE A 72 9.78 0.14 19.48
N ALA A 73 10.21 1.38 19.73
CA ALA A 73 11.51 1.60 20.34
C ALA A 73 11.57 1.02 21.76
N ALA A 74 10.43 0.99 22.45
CA ALA A 74 10.32 0.31 23.74
C ALA A 74 10.10 -1.18 23.59
N GLY A 75 10.12 -1.69 22.35
CA GLY A 75 10.00 -3.11 22.08
C GLY A 75 8.60 -3.68 22.26
N VAL A 76 7.57 -2.85 22.12
CA VAL A 76 6.21 -3.27 22.42
C VAL A 76 5.67 -4.13 21.28
N THR A 77 5.14 -5.30 21.65
CA THR A 77 4.57 -6.28 20.74
C THR A 77 3.07 -6.36 20.95
N PRO A 78 2.33 -6.89 19.96
CA PRO A 78 0.90 -7.16 20.20
C PRO A 78 0.66 -8.06 21.40
N ALA A 79 1.56 -9.01 21.66
CA ALA A 79 1.37 -9.87 22.83
C ALA A 79 1.43 -9.06 24.12
N GLN A 80 2.36 -8.11 24.19
CA GLN A 80 2.44 -7.24 25.34
C GLN A 80 1.24 -6.30 25.42
N CYS A 81 0.71 -5.88 24.26
CA CYS A 81 -0.52 -5.09 24.26
C CYS A 81 -1.69 -5.85 24.89
N PHE A 82 -1.80 -7.15 24.60
CA PHE A 82 -2.89 -7.89 25.22
C PHE A 82 -2.68 -8.05 26.71
N GLU A 83 -1.42 -8.17 27.15
N GLU A 83 -1.43 -8.14 27.17
CA GLU A 83 -1.12 -8.17 28.58
CA GLU A 83 -1.20 -8.19 28.61
C GLU A 83 -1.56 -6.86 29.22
C GLU A 83 -1.52 -6.85 29.26
N MET A 84 -1.27 -5.74 28.57
CA MET A 84 -1.69 -4.43 29.08
C MET A 84 -3.20 -4.35 29.15
N LEU A 85 -3.89 -4.76 28.08
CA LEU A 85 -5.35 -4.70 28.08
C LEU A 85 -5.94 -5.46 29.25
N ALA A 86 -5.35 -6.62 29.59
CA ALA A 86 -5.82 -7.39 30.74
C ALA A 86 -5.66 -6.59 32.03
N LEU A 87 -4.51 -5.92 32.18
CA LEU A 87 -4.28 -5.13 33.39
C LEU A 87 -5.22 -3.92 33.46
N ILE A 88 -5.50 -3.29 32.32
CA ILE A 88 -6.42 -2.15 32.32
C ILE A 88 -7.83 -2.59 32.71
N ARG A 89 -8.33 -3.65 32.07
CA ARG A 89 -9.66 -4.15 32.42
C ARG A 89 -9.72 -4.61 33.87
N GLU A 90 -8.62 -5.15 34.40
CA GLU A 90 -8.61 -5.59 35.79
C GLU A 90 -8.83 -4.43 36.76
N LYS A 91 -8.35 -3.24 36.41
CA LYS A 91 -8.50 -2.05 37.24
C LYS A 91 -9.82 -1.31 37.02
N HIS A 92 -10.39 -1.44 35.81
CA HIS A 92 -11.50 -0.62 35.35
C HIS A 92 -12.56 -1.54 34.75
N PRO A 93 -13.50 -2.03 35.56
CA PRO A 93 -14.39 -3.09 35.07
C PRO A 93 -15.47 -2.62 34.12
N THR A 94 -15.81 -1.34 34.11
CA THR A 94 -16.94 -0.88 33.32
C THR A 94 -16.57 -0.01 32.13
N ILE A 95 -15.35 0.48 32.04
CA ILE A 95 -15.08 1.43 30.96
C ILE A 95 -15.07 0.70 29.62
N PRO A 96 -15.73 1.22 28.60
CA PRO A 96 -15.65 0.58 27.27
C PRO A 96 -14.27 0.76 26.67
N ILE A 97 -13.71 -0.32 26.15
CA ILE A 97 -12.37 -0.31 25.55
C ILE A 97 -12.51 -0.74 24.09
N GLY A 98 -12.14 0.14 23.18
CA GLY A 98 -12.09 -0.17 21.75
C GLY A 98 -10.65 -0.18 21.27
N LEU A 99 -10.33 -1.14 20.42
CA LEU A 99 -9.01 -1.20 19.79
C LEU A 99 -9.06 -0.56 18.41
N LEU A 100 -7.96 0.11 18.06
CA LEU A 100 -7.76 0.60 16.67
C LEU A 100 -6.71 -0.35 16.07
N MET A 101 -7.16 -1.18 15.15
CA MET A 101 -6.30 -2.19 14.55
C MET A 101 -6.08 -1.89 13.08
N TYR A 102 -4.95 -2.36 12.55
CA TYR A 102 -4.79 -2.52 11.11
C TYR A 102 -4.96 -3.99 10.76
N ALA A 103 -5.44 -4.23 9.53
CA ALA A 103 -5.94 -5.54 9.16
C ALA A 103 -4.90 -6.64 9.34
N ASN A 104 -3.65 -6.39 9.00
CA ASN A 104 -2.68 -7.48 9.05
C ASN A 104 -2.52 -8.03 10.45
N LEU A 105 -2.64 -7.17 11.46
CA LEU A 105 -2.49 -7.66 12.83
C LEU A 105 -3.66 -8.52 13.25
N VAL A 106 -4.83 -8.29 12.67
CA VAL A 106 -6.00 -9.12 12.98
C VAL A 106 -5.95 -10.43 12.21
N PHE A 107 -5.53 -10.35 10.94
CA PHE A 107 -5.46 -11.51 10.05
C PHE A 107 -4.30 -12.45 10.41
N ASN A 108 -3.24 -11.90 11.02
CA ASN A 108 -1.92 -12.55 11.09
C ASN A 108 -1.99 -13.98 11.60
N ASN A 109 -2.53 -14.17 12.80
CA ASN A 109 -2.64 -15.51 13.36
C ASN A 109 -4.07 -16.04 13.33
N GLY A 110 -4.87 -15.57 12.37
CA GLY A 110 -6.24 -16.01 12.30
C GLY A 110 -7.20 -14.97 12.83
N ILE A 111 -8.16 -14.58 12.00
CA ILE A 111 -9.12 -13.56 12.41
C ILE A 111 -9.89 -14.03 13.64
N ASP A 112 -10.39 -15.27 13.60
CA ASP A 112 -11.21 -15.72 14.72
C ASP A 112 -10.40 -15.74 16.01
N ALA A 113 -9.15 -16.22 15.94
CA ALA A 113 -8.30 -16.26 17.12
C ALA A 113 -8.05 -14.86 17.66
N PHE A 114 -7.93 -13.85 16.78
CA PHE A 114 -7.71 -12.50 17.27
C PHE A 114 -8.89 -12.03 18.11
N TYR A 115 -10.11 -12.20 17.60
CA TYR A 115 -11.28 -11.71 18.34
C TYR A 115 -11.51 -12.55 19.59
N ALA A 116 -11.18 -13.84 19.55
CA ALA A 116 -11.27 -14.65 20.75
C ALA A 116 -10.35 -14.12 21.84
N ARG A 117 -9.16 -13.67 21.45
CA ARG A 117 -8.24 -13.11 22.42
C ARG A 117 -8.74 -11.77 22.94
N CYS A 118 -9.36 -10.97 22.08
CA CYS A 118 -10.00 -9.72 22.53
C CYS A 118 -11.07 -10.01 23.57
N GLU A 119 -11.89 -11.03 23.33
CA GLU A 119 -12.92 -11.38 24.30
C GLU A 119 -12.31 -11.83 25.61
N GLN A 120 -11.22 -12.59 25.55
CA GLN A 120 -10.63 -13.11 26.77
C GLN A 120 -10.08 -12.01 27.67
N VAL A 121 -9.55 -10.92 27.09
CA VAL A 121 -8.95 -9.86 27.91
C VAL A 121 -9.95 -8.77 28.26
N GLY A 122 -11.16 -8.81 27.71
CA GLY A 122 -12.19 -7.86 28.09
C GLY A 122 -12.33 -6.64 27.19
N VAL A 123 -11.83 -6.71 25.96
CA VAL A 123 -12.07 -5.66 24.97
C VAL A 123 -13.54 -5.63 24.55
N ASP A 124 -14.05 -4.43 24.27
CA ASP A 124 -15.44 -4.23 23.91
C ASP A 124 -15.68 -4.01 22.42
N SER A 125 -14.75 -3.40 21.70
CA SER A 125 -14.96 -3.17 20.28
C SER A 125 -13.63 -3.18 19.55
N VAL A 126 -13.71 -3.38 18.24
CA VAL A 126 -12.54 -3.39 17.37
C VAL A 126 -12.87 -2.61 16.10
N LEU A 127 -12.02 -1.64 15.78
CA LEU A 127 -12.10 -0.89 14.54
C LEU A 127 -10.88 -1.27 13.72
N VAL A 128 -11.09 -1.77 12.52
CA VAL A 128 -9.99 -2.15 11.64
C VAL A 128 -9.94 -1.11 10.53
N ALA A 129 -8.89 -0.27 10.58
CA ALA A 129 -8.90 0.99 9.84
C ALA A 129 -8.83 0.80 8.34
N ASP A 130 -8.19 -0.26 7.86
CA ASP A 130 -8.05 -0.49 6.43
C ASP A 130 -8.95 -1.61 5.94
N VAL A 131 -10.05 -1.88 6.63
CA VAL A 131 -11.07 -2.82 6.15
C VAL A 131 -12.36 -2.05 5.96
N PRO A 132 -12.72 -1.73 4.72
CA PRO A 132 -14.02 -1.09 4.46
C PRO A 132 -15.14 -2.10 4.62
N VAL A 133 -16.38 -1.60 4.63
N VAL A 133 -16.39 -1.60 4.62
CA VAL A 133 -17.55 -2.47 4.77
CA VAL A 133 -17.54 -2.50 4.78
C VAL A 133 -17.53 -3.56 3.70
C VAL A 133 -17.54 -3.56 3.70
N GLU A 134 -17.05 -3.22 2.50
CA GLU A 134 -17.00 -4.16 1.40
C GLU A 134 -16.17 -5.40 1.72
N GLU A 135 -15.16 -5.29 2.58
CA GLU A 135 -14.29 -6.41 2.95
C GLU A 135 -14.56 -6.94 4.34
N SER A 136 -15.60 -6.46 5.04
CA SER A 136 -15.70 -6.62 6.47
C SER A 136 -16.26 -7.97 6.93
N ALA A 137 -16.83 -8.77 6.04
CA ALA A 137 -17.64 -9.92 6.47
C ALA A 137 -16.93 -10.84 7.47
N PRO A 138 -15.74 -11.40 7.18
CA PRO A 138 -15.12 -12.28 8.18
C PRO A 138 -14.73 -11.56 9.47
N PHE A 139 -14.45 -10.25 9.41
CA PHE A 139 -14.11 -9.54 10.64
C PHE A 139 -15.33 -9.32 11.51
N ARG A 140 -16.42 -8.82 10.92
CA ARG A 140 -17.59 -8.54 11.74
C ARG A 140 -18.24 -9.83 12.25
N GLN A 141 -18.17 -10.90 11.47
CA GLN A 141 -18.71 -12.17 11.92
C GLN A 141 -17.92 -12.71 13.11
N ALA A 142 -16.59 -12.69 13.01
CA ALA A 142 -15.76 -13.14 14.12
C ALA A 142 -15.95 -12.26 15.35
N ALA A 143 -16.09 -10.94 15.15
CA ALA A 143 -16.34 -10.05 16.28
C ALA A 143 -17.61 -10.43 17.01
N LEU A 144 -18.71 -10.54 16.27
CA LEU A 144 -20.00 -10.84 16.91
C LEU A 144 -19.98 -12.20 17.59
N ARG A 145 -19.28 -13.18 17.02
CA ARG A 145 -19.19 -14.49 17.66
C ARG A 145 -18.50 -14.42 19.02
N HIS A 146 -17.62 -13.44 19.20
CA HIS A 146 -16.87 -13.30 20.45
C HIS A 146 -17.33 -12.09 21.27
N ASN A 147 -18.56 -11.63 21.05
N ASN A 147 -18.56 -11.63 21.05
CA ASN A 147 -19.16 -10.54 21.82
CA ASN A 147 -19.17 -10.54 21.81
C ASN A 147 -18.38 -9.24 21.70
C ASN A 147 -18.38 -9.24 21.70
N ILE A 148 -17.73 -9.03 20.55
CA ILE A 148 -16.96 -7.81 20.28
C ILE A 148 -17.77 -6.95 19.32
N ALA A 149 -17.88 -5.66 19.62
CA ALA A 149 -18.59 -4.75 18.72
C ALA A 149 -17.71 -4.42 17.52
N PRO A 150 -18.16 -4.70 16.29
CA PRO A 150 -17.39 -4.25 15.12
C PRO A 150 -17.71 -2.79 14.81
N ILE A 151 -16.68 -1.95 14.74
CA ILE A 151 -16.88 -0.51 14.58
C ILE A 151 -16.70 -0.14 13.11
N PHE A 152 -17.75 0.43 12.53
CA PHE A 152 -17.71 0.86 11.14
C PHE A 152 -17.58 2.38 11.05
N ILE A 153 -16.96 2.82 9.95
CA ILE A 153 -16.72 4.22 9.67
C ILE A 153 -17.85 4.77 8.80
N CYS A 154 -18.42 5.90 9.22
CA CYS A 154 -19.32 6.67 8.36
C CYS A 154 -18.56 7.91 7.90
N PRO A 155 -18.08 7.94 6.66
CA PRO A 155 -17.29 9.08 6.18
C PRO A 155 -18.19 10.21 5.74
N PRO A 156 -17.64 11.42 5.56
CA PRO A 156 -18.48 12.53 5.09
C PRO A 156 -19.04 12.31 3.70
N ASN A 157 -18.35 11.54 2.86
CA ASN A 157 -18.83 11.23 1.52
C ASN A 157 -19.75 10.02 1.47
N ALA A 158 -20.40 9.68 2.58
CA ALA A 158 -21.25 8.49 2.65
C ALA A 158 -22.57 8.72 1.92
N ASP A 159 -22.96 7.75 1.09
CA ASP A 159 -24.26 7.75 0.45
C ASP A 159 -25.25 6.93 1.28
N ASP A 160 -26.48 6.84 0.79
CA ASP A 160 -27.55 6.22 1.58
C ASP A 160 -27.31 4.72 1.78
N ASP A 161 -26.80 4.04 0.76
CA ASP A 161 -26.52 2.61 0.91
C ASP A 161 -25.51 2.37 2.02
N LEU A 162 -24.44 3.18 2.06
CA LEU A 162 -23.43 3.01 3.09
C LEU A 162 -24.00 3.29 4.48
N LEU A 163 -24.85 4.31 4.61
CA LEU A 163 -25.48 4.60 5.89
C LEU A 163 -26.29 3.41 6.39
N ARG A 164 -27.05 2.77 5.49
CA ARG A 164 -27.87 1.62 5.88
C ARG A 164 -27.00 0.43 6.27
N GLN A 165 -25.91 0.19 5.54
CA GLN A 165 -25.04 -0.93 5.88
C GLN A 165 -24.35 -0.72 7.23
N VAL A 166 -23.76 0.46 7.42
CA VAL A 166 -23.10 0.75 8.69
C VAL A 166 -24.08 0.66 9.84
N ALA A 167 -25.31 1.12 9.62
CA ALA A 167 -26.33 1.03 10.66
C ALA A 167 -26.68 -0.42 10.98
N SER A 168 -26.78 -1.27 9.96
CA SER A 168 -27.14 -2.66 10.19
C SER A 168 -25.99 -3.45 10.80
N TYR A 169 -24.79 -3.29 10.24
CA TYR A 169 -23.67 -4.17 10.57
C TYR A 169 -22.97 -3.80 11.88
N GLY A 170 -23.03 -2.54 12.28
CA GLY A 170 -22.23 -2.09 13.39
C GLY A 170 -22.86 -2.32 14.74
N ARG A 171 -22.02 -2.27 15.77
CA ARG A 171 -22.45 -2.36 17.17
C ARG A 171 -21.60 -1.40 17.98
N GLY A 172 -22.06 -1.14 19.20
CA GLY A 172 -21.30 -0.34 20.13
C GLY A 172 -21.42 1.14 19.83
N TYR A 173 -20.81 1.56 18.72
CA TYR A 173 -20.80 2.96 18.35
C TYR A 173 -20.47 3.07 16.87
N THR A 174 -21.00 4.11 16.23
CA THR A 174 -20.68 4.39 14.83
C THR A 174 -19.61 5.46 14.79
N TYR A 175 -18.58 5.24 13.99
CA TYR A 175 -17.48 6.20 13.93
C TYR A 175 -17.81 7.20 12.83
N LEU A 176 -18.07 8.43 13.25
CA LEU A 176 -18.43 9.51 12.33
C LEU A 176 -17.17 10.30 12.02
N LEU A 177 -16.66 10.13 10.80
CA LEU A 177 -15.41 10.74 10.39
C LEU A 177 -15.63 12.23 10.14
N SER A 178 -14.77 13.07 10.72
CA SER A 178 -14.92 14.52 10.57
C SER A 178 -14.59 15.00 9.17
N ARG A 179 -13.68 14.31 8.50
CA ARG A 179 -13.08 14.84 7.27
C ARG A 179 -12.33 13.71 6.59
N SER A 180 -11.97 13.96 5.33
CA SER A 180 -11.02 13.10 4.64
C SER A 180 -9.63 13.25 5.26
N GLY A 181 -8.68 12.47 4.77
CA GLY A 181 -7.32 12.57 5.25
C GLY A 181 -6.98 11.55 6.32
N VAL A 182 -5.91 11.84 7.04
CA VAL A 182 -5.39 10.96 8.08
C VAL A 182 -5.50 11.65 9.44
N THR A 183 -5.22 10.90 10.50
CA THR A 183 -5.35 11.46 11.84
C THR A 183 -4.43 12.66 12.00
N GLY A 184 -4.85 13.61 12.84
CA GLY A 184 -4.00 14.76 13.11
C GLY A 184 -4.75 15.96 13.66
N ALA A 185 -4.15 16.62 14.66
CA ALA A 185 -4.80 17.76 15.29
C ALA A 185 -4.66 19.04 14.47
N GLU A 186 -3.64 19.12 13.61
CA GLU A 186 -3.39 20.32 12.82
C GLU A 186 -4.47 20.56 11.75
N ASN A 187 -5.31 19.58 11.46
CA ASN A 187 -6.26 19.66 10.35
C ASN A 187 -7.65 19.36 10.90
N ARG A 188 -8.51 20.37 10.94
CA ARG A 188 -9.85 20.23 11.50
C ARG A 188 -10.87 20.02 10.39
N GLY A 189 -11.95 19.32 10.74
CA GLY A 189 -12.98 19.03 9.75
C GLY A 189 -13.66 20.30 9.25
N ALA A 190 -14.17 20.23 8.03
CA ALA A 190 -14.80 21.37 7.37
C ALA A 190 -16.31 21.25 7.23
N LEU A 191 -16.82 20.07 6.88
CA LEU A 191 -18.23 19.90 6.54
C LEU A 191 -19.10 19.78 7.80
N PRO A 192 -20.36 20.16 7.70
CA PRO A 192 -21.32 19.84 8.77
C PRO A 192 -21.87 18.43 8.59
N LEU A 193 -21.94 17.68 9.69
CA LEU A 193 -22.33 16.28 9.65
C LEU A 193 -23.76 16.06 10.13
N HIS A 194 -24.59 17.10 10.14
CA HIS A 194 -25.94 17.00 10.70
C HIS A 194 -26.78 15.99 9.94
N HIS A 195 -26.70 16.00 8.60
CA HIS A 195 -27.55 15.12 7.80
C HIS A 195 -27.20 13.66 8.03
N LEU A 196 -25.92 13.34 8.16
CA LEU A 196 -25.53 11.96 8.38
C LEU A 196 -25.91 11.50 9.79
N ILE A 197 -25.70 12.36 10.80
CA ILE A 197 -26.06 12.01 12.18
C ILE A 197 -27.53 11.62 12.27
N GLU A 198 -28.39 12.32 11.53
CA GLU A 198 -29.81 12.06 11.68
C GLU A 198 -30.26 10.87 10.83
N LYS A 199 -29.62 10.65 9.67
CA LYS A 199 -29.88 9.42 8.94
C LYS A 199 -29.46 8.20 9.74
N LEU A 200 -28.34 8.30 10.46
CA LEU A 200 -27.89 7.19 11.28
C LEU A 200 -28.92 6.87 12.37
N LYS A 201 -29.49 7.90 12.99
CA LYS A 201 -30.50 7.67 14.01
C LYS A 201 -31.76 7.06 13.41
N GLU A 202 -32.14 7.51 12.21
CA GLU A 202 -33.29 6.95 11.52
C GLU A 202 -33.15 5.44 11.32
N TYR A 203 -31.96 5.00 10.91
CA TYR A 203 -31.69 3.59 10.63
C TYR A 203 -31.29 2.81 11.88
N HIS A 204 -31.47 3.40 13.06
CA HIS A 204 -31.19 2.72 14.34
C HIS A 204 -29.72 2.28 14.42
N ALA A 205 -28.83 3.13 13.93
CA ALA A 205 -27.40 2.84 14.03
C ALA A 205 -26.93 3.00 15.48
N ALA A 206 -25.82 2.36 15.79
CA ALA A 206 -25.17 2.56 17.08
C ALA A 206 -24.84 4.04 17.24
N PRO A 207 -24.82 4.55 18.47
CA PRO A 207 -24.60 6.00 18.67
C PRO A 207 -23.28 6.46 18.07
N ALA A 208 -23.28 7.67 17.54
CA ALA A 208 -22.15 8.16 16.75
C ALA A 208 -21.16 8.91 17.63
N LEU A 209 -19.87 8.61 17.44
CA LEU A 209 -18.78 9.39 17.99
C LEU A 209 -18.01 10.04 16.84
N GLN A 210 -17.80 11.35 16.90
CA GLN A 210 -17.02 12.03 15.86
C GLN A 210 -15.53 11.98 16.18
N GLY A 211 -14.71 11.72 15.15
CA GLY A 211 -13.26 11.70 15.35
C GLY A 211 -12.53 12.17 14.11
N PHE A 212 -11.19 12.28 14.23
CA PHE A 212 -10.33 13.02 13.29
C PHE A 212 -10.33 14.53 13.44
N GLY A 213 -9.37 15.03 14.21
CA GLY A 213 -9.09 16.45 14.21
C GLY A 213 -9.69 17.17 15.37
N ILE A 214 -10.31 16.44 16.29
CA ILE A 214 -10.90 17.01 17.50
C ILE A 214 -9.78 17.29 18.49
N SER A 215 -9.46 18.57 18.69
CA SER A 215 -8.37 18.94 19.58
C SER A 215 -8.74 19.99 20.61
N SER A 216 -9.97 20.51 20.60
CA SER A 216 -10.34 21.60 21.49
C SER A 216 -11.70 21.31 22.10
N PRO A 217 -11.97 21.88 23.29
CA PRO A 217 -13.28 21.65 23.92
C PRO A 217 -14.47 22.12 23.09
N GLU A 218 -14.34 23.23 22.36
CA GLU A 218 -15.43 23.70 21.52
C GLU A 218 -15.87 22.63 20.53
N GLN A 219 -14.88 21.93 19.96
CA GLN A 219 -15.17 20.88 19.00
C GLN A 219 -15.98 19.74 19.63
N VAL A 220 -15.69 19.43 20.90
CA VAL A 220 -16.45 18.40 21.59
C VAL A 220 -17.89 18.85 21.77
N SER A 221 -18.09 20.07 22.29
CA SER A 221 -19.46 20.59 22.44
C SER A 221 -20.19 20.65 21.11
N ALA A 222 -19.51 21.11 20.05
CA ALA A 222 -20.14 21.25 18.75
C ALA A 222 -20.59 19.89 18.20
N ALA A 223 -19.79 18.85 18.42
CA ALA A 223 -20.21 17.52 17.98
C ALA A 223 -21.48 17.08 18.71
N VAL A 224 -21.56 17.36 20.01
CA VAL A 224 -22.74 16.94 20.78
C VAL A 224 -23.97 17.72 20.34
N ARG A 225 -23.85 19.03 20.14
CA ARG A 225 -24.99 19.82 19.68
C ARG A 225 -25.46 19.36 18.31
N ALA A 226 -24.53 18.97 17.43
CA ALA A 226 -24.88 18.50 16.11
C ALA A 226 -25.68 17.20 16.14
N GLY A 227 -25.77 16.54 17.29
CA GLY A 227 -26.53 15.33 17.45
C GLY A 227 -25.69 14.10 17.75
N ALA A 228 -24.38 14.18 17.65
CA ALA A 228 -23.53 13.03 17.90
C ALA A 228 -23.53 12.67 19.38
N ALA A 229 -23.28 11.40 19.68
CA ALA A 229 -23.26 10.98 21.08
C ALA A 229 -21.96 11.34 21.78
N GLY A 230 -20.95 11.79 21.05
CA GLY A 230 -19.69 12.15 21.68
C GLY A 230 -18.60 12.32 20.64
N ALA A 231 -17.36 12.43 21.13
CA ALA A 231 -16.23 12.73 20.26
C ALA A 231 -14.97 12.00 20.74
N ILE A 232 -14.12 11.68 19.77
CA ILE A 232 -12.83 11.02 19.99
C ILE A 232 -11.72 12.01 19.68
N SER A 233 -10.66 11.98 20.48
CA SER A 233 -9.49 12.84 20.27
C SER A 233 -8.23 12.01 20.46
N GLY A 234 -7.45 11.84 19.38
CA GLY A 234 -6.17 11.16 19.52
C GLY A 234 -4.90 12.00 19.48
N SER A 235 -4.68 12.71 18.37
CA SER A 235 -3.39 13.38 18.17
C SER A 235 -3.16 14.45 19.20
N ALA A 236 -4.22 15.17 19.60
CA ALA A 236 -4.12 16.18 20.64
C ALA A 236 -3.61 15.58 21.95
N ILE A 237 -4.06 14.36 22.27
CA ILE A 237 -3.58 13.69 23.48
C ILE A 237 -2.12 13.28 23.31
N VAL A 238 -1.83 12.64 22.18
CA VAL A 238 -0.50 12.10 21.91
C VAL A 238 0.54 13.21 21.83
N LYS A 239 0.16 14.39 21.35
CA LYS A 239 1.08 15.52 21.35
C LYS A 239 1.53 15.88 22.76
N ILE A 240 0.67 15.66 23.76
CA ILE A 240 1.06 15.98 25.13
C ILE A 240 2.08 14.97 25.65
N ILE A 241 1.91 13.70 25.27
CA ILE A 241 2.95 12.70 25.55
C ILE A 241 4.27 13.09 24.90
N GLU A 242 4.24 13.38 23.60
CA GLU A 242 5.45 13.71 22.86
C GLU A 242 6.16 14.91 23.47
N LYS A 243 5.41 15.95 23.83
CA LYS A 243 6.01 17.18 24.30
C LYS A 243 6.65 17.03 25.67
N ASN A 244 6.27 16.01 26.43
CA ASN A 244 6.68 15.88 27.83
C ASN A 244 7.43 14.58 28.09
N LEU A 245 8.06 14.00 27.06
CA LEU A 245 8.76 12.73 27.23
C LEU A 245 9.76 12.80 28.38
N ALA A 246 10.48 13.92 28.50
CA ALA A 246 11.51 14.08 29.52
C ALA A 246 10.94 14.38 30.90
N SER A 247 9.64 14.62 31.02
CA SER A 247 9.01 14.96 32.30
C SER A 247 7.71 14.19 32.45
N PRO A 248 7.78 12.93 32.90
CA PRO A 248 6.55 12.14 33.04
C PRO A 248 5.57 12.70 34.05
N LYS A 249 6.05 13.46 35.05
CA LYS A 249 5.12 14.08 36.00
C LYS A 249 4.32 15.19 35.34
N GLN A 250 5.01 16.10 34.64
CA GLN A 250 4.31 17.15 33.91
C GLN A 250 3.50 16.59 32.74
N MET A 251 3.87 15.42 32.24
CA MET A 251 3.07 14.77 31.21
C MET A 251 1.70 14.39 31.73
N LEU A 252 1.65 13.73 32.89
CA LEU A 252 0.37 13.27 33.42
C LEU A 252 -0.47 14.44 33.91
N ALA A 253 0.17 15.47 34.47
CA ALA A 253 -0.58 16.64 34.91
C ALA A 253 -1.22 17.36 33.73
N GLU A 254 -0.50 17.47 32.61
CA GLU A 254 -1.08 18.19 31.49
C GLU A 254 -2.10 17.34 30.74
N LEU A 255 -1.91 16.01 30.72
CA LEU A 255 -2.97 15.14 30.21
C LEU A 255 -4.23 15.26 31.06
N ARG A 256 -4.07 15.30 32.38
CA ARG A 256 -5.24 15.37 33.25
C ARG A 256 -6.04 16.64 33.03
N SER A 257 -5.34 17.78 32.91
CA SER A 257 -6.03 19.05 32.70
C SER A 257 -6.73 19.06 31.35
N PHE A 258 -6.10 18.49 30.32
CA PHE A 258 -6.69 18.51 28.99
C PHE A 258 -7.93 17.62 28.94
N VAL A 259 -7.80 16.37 29.41
CA VAL A 259 -8.95 15.46 29.38
C VAL A 259 -10.10 16.04 30.18
N SER A 260 -9.82 16.58 31.37
CA SER A 260 -10.85 17.19 32.19
C SER A 260 -11.60 18.27 31.42
N ALA A 261 -10.86 19.14 30.73
CA ALA A 261 -11.49 20.21 29.97
C ALA A 261 -12.29 19.67 28.79
N MET A 262 -11.75 18.67 28.09
CA MET A 262 -12.49 18.07 26.97
C MET A 262 -13.76 17.40 27.47
N LYS A 263 -13.68 16.67 28.59
CA LYS A 263 -14.87 16.01 29.12
C LYS A 263 -15.92 17.02 29.55
N ALA A 264 -15.48 18.07 30.25
CA ALA A 264 -16.42 19.10 30.70
C ALA A 264 -17.17 19.71 29.52
N ALA A 265 -16.52 19.79 28.35
CA ALA A 265 -17.19 20.30 27.17
C ALA A 265 -18.32 19.39 26.70
N SER A 266 -18.28 18.10 27.06
CA SER A 266 -19.32 17.18 26.65
C SER A 266 -20.57 17.26 27.52
N ARG A 267 -20.52 18.01 28.63
CA ARG A 267 -21.66 18.07 29.52
C ARG A 267 -22.68 19.10 29.09
N ALA A 268 -22.31 20.05 28.23
CA ALA A 268 -23.25 20.95 27.57
C ALA A 268 -22.57 21.79 26.48
N THR B 2 -19.69 -3.27 -3.47
CA THR B 2 -20.18 -3.51 -4.83
C THR B 2 -19.18 -3.00 -5.84
N THR B 3 -18.79 -3.86 -6.77
CA THR B 3 -17.87 -3.48 -7.84
C THR B 3 -18.39 -4.01 -9.17
N LEU B 4 -17.88 -3.40 -10.24
CA LEU B 4 -18.18 -3.84 -11.60
C LEU B 4 -17.35 -5.05 -12.00
N LEU B 5 -16.11 -5.14 -11.51
CA LEU B 5 -15.17 -6.19 -11.88
C LEU B 5 -14.77 -6.97 -10.64
N ASN B 6 -14.30 -8.18 -10.85
CA ASN B 6 -13.87 -9.03 -9.75
C ASN B 6 -12.61 -8.46 -9.11
N PRO B 7 -12.61 -8.12 -7.82
CA PRO B 7 -11.41 -7.53 -7.20
C PRO B 7 -10.37 -8.56 -6.77
N TYR B 8 -10.65 -9.84 -6.93
CA TYR B 8 -9.80 -10.90 -6.42
C TYR B 8 -9.29 -11.81 -7.53
N PHE B 9 -8.10 -12.33 -7.32
CA PHE B 9 -7.51 -13.39 -8.13
C PHE B 9 -7.39 -14.58 -7.18
N GLY B 10 -8.38 -15.47 -7.21
CA GLY B 10 -8.44 -16.46 -6.14
C GLY B 10 -8.61 -15.77 -4.79
N GLU B 11 -7.73 -16.13 -3.84
N GLU B 11 -7.73 -16.11 -3.85
CA GLU B 11 -7.73 -15.52 -2.50
CA GLU B 11 -7.79 -15.53 -2.53
C GLU B 11 -7.18 -14.10 -2.50
C GLU B 11 -7.06 -14.19 -2.43
N PHE B 12 -6.37 -13.76 -3.49
CA PHE B 12 -5.52 -12.58 -3.42
C PHE B 12 -6.18 -11.35 -4.05
N GLY B 13 -5.91 -10.19 -3.44
CA GLY B 13 -6.38 -8.93 -4.02
C GLY B 13 -7.29 -8.15 -3.09
N GLY B 14 -8.41 -7.65 -3.60
CA GLY B 14 -9.35 -6.96 -2.74
C GLY B 14 -9.10 -5.47 -2.66
N MET B 15 -9.86 -4.82 -1.76
CA MET B 15 -9.80 -3.36 -1.59
C MET B 15 -9.68 -3.06 -0.11
N TYR B 16 -8.48 -3.24 0.43
CA TYR B 16 -8.26 -3.04 1.87
C TYR B 16 -7.73 -1.63 2.11
N VAL B 17 -8.60 -0.68 1.85
CA VAL B 17 -8.29 0.73 2.08
C VAL B 17 -9.28 1.26 3.11
N PRO B 18 -8.93 2.35 3.79
CA PRO B 18 -9.91 3.03 4.63
C PRO B 18 -11.17 3.36 3.86
N GLN B 19 -12.30 3.35 4.58
CA GLN B 19 -13.60 3.59 3.98
C GLN B 19 -13.63 4.86 3.14
N ILE B 20 -12.94 5.91 3.61
CA ILE B 20 -12.92 7.20 2.92
C ILE B 20 -12.53 7.08 1.46
N LEU B 21 -11.69 6.08 1.12
CA LEU B 21 -11.15 5.96 -0.24
C LEU B 21 -12.00 5.08 -1.16
N MET B 22 -13.04 4.43 -0.65
CA MET B 22 -13.80 3.55 -1.53
C MET B 22 -14.49 4.29 -2.67
N PRO B 23 -15.07 5.49 -2.48
CA PRO B 23 -15.65 6.18 -3.64
C PRO B 23 -14.63 6.46 -4.74
N ALA B 24 -13.40 6.79 -4.35
CA ALA B 24 -12.35 7.03 -5.32
C ALA B 24 -12.03 5.77 -6.11
N LEU B 25 -11.96 4.63 -5.44
CA LEU B 25 -11.69 3.39 -6.15
C LEU B 25 -12.86 3.02 -7.05
N ASN B 26 -14.09 3.21 -6.57
CA ASN B 26 -15.25 2.89 -7.39
C ASN B 26 -15.32 3.82 -8.60
N GLN B 27 -15.00 5.10 -8.41
CA GLN B 27 -14.98 6.03 -9.53
C GLN B 27 -13.93 5.63 -10.56
N LEU B 28 -12.76 5.22 -10.07
CA LEU B 28 -11.69 4.82 -10.99
C LEU B 28 -12.10 3.58 -11.77
N GLU B 29 -12.69 2.60 -11.09
CA GLU B 29 -13.15 1.39 -11.76
C GLU B 29 -14.17 1.73 -12.84
N GLU B 30 -15.17 2.55 -12.52
N GLU B 30 -15.16 2.55 -12.51
CA GLU B 30 -16.18 2.92 -13.49
CA GLU B 30 -16.18 2.94 -13.48
C GLU B 30 -15.56 3.64 -14.68
C GLU B 30 -15.57 3.65 -14.68
N ALA B 31 -14.62 4.56 -14.43
CA ALA B 31 -14.00 5.30 -15.52
C ALA B 31 -13.21 4.36 -16.42
N PHE B 32 -12.53 3.38 -15.83
CA PHE B 32 -11.78 2.40 -16.60
C PHE B 32 -12.70 1.55 -17.46
N VAL B 33 -13.77 1.01 -16.87
CA VAL B 33 -14.70 0.17 -17.62
C VAL B 33 -15.29 0.95 -18.79
N SER B 34 -15.66 2.22 -18.53
CA SER B 34 -16.20 3.09 -19.57
C SER B 34 -15.18 3.36 -20.66
N ALA B 35 -13.94 3.68 -20.26
CA ALA B 35 -12.91 4.00 -21.23
C ALA B 35 -12.55 2.80 -22.08
N GLN B 36 -12.57 1.59 -21.50
CA GLN B 36 -12.21 0.40 -22.28
C GLN B 36 -13.23 0.11 -23.36
N LYS B 37 -14.43 0.67 -23.25
CA LYS B 37 -15.46 0.55 -24.27
C LYS B 37 -15.49 1.75 -25.22
N ASP B 38 -14.64 2.76 -25.00
CA ASP B 38 -14.75 4.04 -25.67
C ASP B 38 -13.75 4.10 -26.81
N PRO B 39 -14.18 4.04 -28.07
CA PRO B 39 -13.20 4.07 -29.17
C PRO B 39 -12.36 5.31 -29.18
N GLU B 40 -12.91 6.45 -28.74
CA GLU B 40 -12.12 7.68 -28.72
C GLU B 40 -11.00 7.61 -27.71
N PHE B 41 -11.26 7.06 -26.52
CA PHE B 41 -10.21 6.87 -25.53
C PHE B 41 -9.14 5.94 -26.06
N GLN B 42 -9.56 4.82 -26.65
CA GLN B 42 -8.59 3.86 -27.15
C GLN B 42 -7.72 4.48 -28.24
N ALA B 43 -8.30 5.33 -29.07
CA ALA B 43 -7.51 5.94 -30.15
C ALA B 43 -6.53 6.96 -29.60
N GLN B 44 -6.95 7.76 -28.62
CA GLN B 44 -6.04 8.69 -27.96
C GLN B 44 -4.89 7.93 -27.31
N PHE B 45 -5.23 6.85 -26.62
CA PHE B 45 -4.21 6.05 -25.95
C PHE B 45 -3.23 5.48 -26.97
N ALA B 46 -3.76 4.91 -28.05
CA ALA B 46 -2.91 4.35 -29.10
C ALA B 46 -2.03 5.41 -29.72
N ASP B 47 -2.60 6.59 -29.98
CA ASP B 47 -1.84 7.72 -30.54
C ASP B 47 -0.64 8.05 -29.65
N LEU B 48 -0.86 8.19 -28.35
CA LEU B 48 0.22 8.50 -27.43
C LEU B 48 1.27 7.38 -27.44
N LEU B 49 0.82 6.12 -27.37
CA LEU B 49 1.79 5.03 -27.32
C LEU B 49 2.68 5.01 -28.56
N LYS B 50 2.09 5.20 -29.74
CA LYS B 50 2.86 5.12 -30.99
C LYS B 50 3.70 6.38 -31.20
N ASN B 51 3.05 7.54 -31.24
CA ASN B 51 3.70 8.74 -31.77
C ASN B 51 4.44 9.53 -30.71
N TYR B 52 4.15 9.29 -29.43
CA TYR B 52 4.84 9.98 -28.35
C TYR B 52 5.81 9.05 -27.61
N ALA B 53 5.38 7.83 -27.28
CA ALA B 53 6.25 6.91 -26.55
C ALA B 53 7.12 6.05 -27.44
N GLY B 54 6.71 5.82 -28.69
CA GLY B 54 7.53 5.09 -29.65
C GLY B 54 7.20 3.62 -29.86
N ARG B 55 6.03 3.17 -29.43
CA ARG B 55 5.60 1.78 -29.64
C ARG B 55 5.37 1.53 -31.13
N PRO B 56 5.56 0.29 -31.63
CA PRO B 56 6.02 -0.90 -30.91
C PRO B 56 7.53 -0.83 -30.68
N THR B 57 7.93 -1.46 -29.57
CA THR B 57 9.35 -1.55 -29.24
C THR B 57 9.95 -2.76 -29.94
N ALA B 58 11.25 -2.67 -30.23
CA ALA B 58 11.95 -3.75 -30.91
C ALA B 58 11.97 -5.02 -30.09
N LEU B 59 12.16 -6.13 -30.78
CA LEU B 59 12.48 -7.41 -30.18
C LEU B 59 13.86 -7.80 -30.70
N THR B 60 14.87 -7.77 -29.83
CA THR B 60 16.26 -7.93 -30.24
C THR B 60 16.70 -9.37 -30.02
N LYS B 61 17.30 -9.98 -31.03
CA LYS B 61 17.86 -11.32 -30.86
C LYS B 61 19.29 -11.16 -30.36
N CYS B 62 19.57 -11.74 -29.19
N CYS B 62 19.58 -11.73 -29.19
CA CYS B 62 20.86 -11.59 -28.53
CA CYS B 62 20.87 -11.57 -28.53
C CYS B 62 21.69 -12.82 -28.85
C CYS B 62 21.70 -12.80 -28.84
N GLN B 63 22.59 -12.67 -29.83
CA GLN B 63 23.33 -13.80 -30.37
C GLN B 63 24.66 -14.04 -29.65
N ASN B 64 25.40 -12.98 -29.28
CA ASN B 64 26.70 -13.22 -28.66
C ASN B 64 26.56 -13.94 -27.32
N ILE B 65 25.59 -13.55 -26.48
CA ILE B 65 25.60 -14.06 -25.12
C ILE B 65 25.09 -15.49 -25.02
N THR B 66 24.51 -16.04 -26.09
CA THR B 66 24.10 -17.44 -26.12
C THR B 66 25.02 -18.32 -26.95
N ALA B 67 26.12 -17.78 -27.48
CA ALA B 67 27.02 -18.56 -28.32
C ALA B 67 27.43 -19.86 -27.64
N GLY B 68 27.42 -20.96 -28.42
CA GLY B 68 27.85 -22.25 -27.92
C GLY B 68 26.80 -22.99 -27.11
N THR B 69 25.56 -22.53 -27.08
CA THR B 69 24.46 -23.20 -26.41
C THR B 69 23.31 -23.34 -27.39
N ARG B 70 22.28 -24.10 -27.00
N ARG B 70 22.28 -24.07 -26.98
CA ARG B 70 21.08 -24.23 -27.80
CA ARG B 70 21.07 -24.24 -27.77
C ARG B 70 19.96 -23.30 -27.32
C ARG B 70 19.96 -23.29 -27.34
N THR B 71 20.31 -22.22 -26.62
CA THR B 71 19.35 -21.21 -26.24
C THR B 71 19.32 -20.11 -27.29
N THR B 72 18.11 -19.77 -27.76
CA THR B 72 17.88 -18.56 -28.54
C THR B 72 17.20 -17.56 -27.62
N LEU B 73 17.79 -16.38 -27.47
CA LEU B 73 17.32 -15.39 -26.50
C LEU B 73 16.96 -14.09 -27.20
N TYR B 74 15.71 -13.66 -27.03
CA TYR B 74 15.28 -12.35 -27.50
C TYR B 74 15.03 -11.44 -26.30
N LEU B 75 15.29 -10.16 -26.47
CA LEU B 75 15.01 -9.14 -25.47
C LEU B 75 13.92 -8.22 -25.98
N LYS B 76 12.83 -8.10 -25.23
CA LYS B 76 11.78 -7.16 -25.56
C LYS B 76 12.21 -5.80 -25.07
N ARG B 77 12.34 -4.83 -25.98
CA ARG B 77 13.14 -3.63 -25.70
C ARG B 77 12.31 -2.50 -25.12
N GLU B 78 11.74 -2.72 -23.92
CA GLU B 78 11.08 -1.60 -23.27
C GLU B 78 12.05 -0.52 -22.83
N ASP B 79 13.36 -0.81 -22.82
CA ASP B 79 14.37 0.21 -22.56
C ASP B 79 14.37 1.30 -23.63
N LEU B 80 13.77 1.04 -24.80
CA LEU B 80 13.73 2.04 -25.86
C LEU B 80 12.47 2.90 -25.82
N LEU B 81 11.55 2.60 -24.90
CA LEU B 81 10.37 3.45 -24.75
C LEU B 81 10.76 4.82 -24.23
N HIS B 82 10.01 5.85 -24.65
CA HIS B 82 10.22 7.19 -24.13
C HIS B 82 10.13 7.15 -22.61
N GLY B 83 11.11 7.77 -21.95
CA GLY B 83 11.26 7.70 -20.52
C GLY B 83 12.26 6.65 -20.08
N GLY B 84 12.45 5.61 -20.87
CA GLY B 84 13.49 4.64 -20.63
C GLY B 84 13.05 3.38 -19.93
N ALA B 85 11.75 3.16 -19.79
CA ALA B 85 11.26 1.97 -19.09
C ALA B 85 9.81 1.74 -19.45
N HIS B 86 9.37 0.50 -19.22
CA HIS B 86 7.99 0.13 -19.50
C HIS B 86 6.97 0.97 -18.73
N LYS B 87 7.38 1.62 -17.64
CA LYS B 87 6.44 2.36 -16.80
C LYS B 87 5.64 3.38 -17.61
N THR B 88 6.19 3.85 -18.72
CA THR B 88 5.51 4.89 -19.49
C THR B 88 4.19 4.39 -20.07
N ASN B 89 4.08 3.11 -20.40
CA ASN B 89 2.89 2.61 -21.08
C ASN B 89 1.62 2.92 -20.29
N GLN B 90 1.56 2.44 -19.05
CA GLN B 90 0.33 2.51 -18.28
C GLN B 90 0.14 3.89 -17.66
N VAL B 91 1.23 4.65 -17.48
CA VAL B 91 1.08 6.04 -17.07
C VAL B 91 0.27 6.83 -18.10
N LEU B 92 0.54 6.61 -19.39
CA LEU B 92 -0.23 7.32 -20.41
C LEU B 92 -1.72 7.00 -20.31
N GLY B 93 -2.07 5.73 -20.11
CA GLY B 93 -3.46 5.38 -19.93
C GLY B 93 -4.06 5.92 -18.64
N GLN B 94 -3.34 5.83 -17.52
CA GLN B 94 -3.91 6.37 -16.28
C GLN B 94 -4.03 7.87 -16.33
N ALA B 95 -3.09 8.57 -16.99
CA ALA B 95 -3.23 10.02 -17.08
C ALA B 95 -4.49 10.38 -17.85
N LEU B 96 -4.78 9.63 -18.91
CA LEU B 96 -6.01 9.86 -19.65
C LEU B 96 -7.22 9.55 -18.76
N LEU B 97 -7.11 8.53 -17.90
CA LEU B 97 -8.22 8.29 -16.97
C LEU B 97 -8.36 9.42 -15.97
N ALA B 98 -7.24 9.97 -15.47
CA ALA B 98 -7.33 11.10 -14.56
C ALA B 98 -8.07 12.26 -15.20
N LYS B 99 -7.75 12.57 -16.45
CA LYS B 99 -8.43 13.65 -17.15
C LYS B 99 -9.89 13.33 -17.36
N ARG B 100 -10.19 12.06 -17.70
CA ARG B 100 -11.58 11.63 -17.88
C ARG B 100 -12.40 11.83 -16.62
N MET B 101 -11.77 11.72 -15.45
CA MET B 101 -12.47 11.91 -14.19
C MET B 101 -12.41 13.35 -13.70
N GLY B 102 -11.80 14.25 -14.47
CA GLY B 102 -11.75 15.64 -14.05
C GLY B 102 -10.75 15.94 -12.97
N LYS B 103 -9.77 15.07 -12.76
CA LYS B 103 -8.71 15.34 -11.81
C LYS B 103 -7.70 16.29 -12.46
N SER B 104 -7.17 17.20 -11.66
CA SER B 104 -6.15 18.14 -12.15
C SER B 104 -4.76 17.86 -11.60
N GLU B 105 -4.64 16.96 -10.63
CA GLU B 105 -3.38 16.69 -9.97
C GLU B 105 -3.11 15.20 -10.01
N ILE B 106 -1.81 14.86 -9.96
CA ILE B 106 -1.34 13.49 -9.95
C ILE B 106 -0.46 13.27 -8.71
N ILE B 107 -0.72 12.19 -7.98
CA ILE B 107 0.17 11.70 -6.93
C ILE B 107 0.82 10.42 -7.44
N ALA B 108 2.14 10.29 -7.27
CA ALA B 108 2.79 9.03 -7.63
C ALA B 108 3.92 8.72 -6.65
N GLU B 109 4.10 7.43 -6.39
CA GLU B 109 5.28 6.94 -5.68
C GLU B 109 6.33 6.53 -6.72
N THR B 110 7.59 6.53 -6.29
CA THR B 110 8.61 5.94 -7.15
C THR B 110 9.79 5.44 -6.30
N GLY B 111 10.41 4.38 -6.80
N GLY B 111 10.37 4.31 -6.73
CA GLY B 111 11.59 3.77 -6.22
CA GLY B 111 11.65 3.87 -6.21
C GLY B 111 12.81 4.20 -7.00
C GLY B 111 12.79 3.89 -7.20
N ALA B 112 13.17 3.38 -8.00
N ALA B 112 12.58 3.30 -8.38
CA ALA B 112 14.14 3.74 -9.03
CA ALA B 112 13.60 3.38 -9.41
C ALA B 112 13.96 5.15 -9.58
C ALA B 112 13.62 4.74 -10.09
N GLY B 113 12.73 5.64 -9.67
CA GLY B 113 12.51 6.92 -10.32
C GLY B 113 11.96 6.80 -11.73
N ALA B 114 11.88 5.59 -12.27
CA ALA B 114 11.34 5.44 -13.62
C ALA B 114 9.85 5.73 -13.66
N HIS B 115 9.11 5.25 -12.66
CA HIS B 115 7.69 5.61 -12.64
C HIS B 115 7.50 7.08 -12.32
N GLY B 116 8.37 7.66 -11.48
CA GLY B 116 8.28 9.09 -11.23
C GLY B 116 8.50 9.91 -12.49
N VAL B 117 9.54 9.56 -13.25
CA VAL B 117 9.82 10.24 -14.51
C VAL B 117 8.66 10.07 -15.48
N ALA B 118 8.13 8.86 -15.58
CA ALA B 118 6.99 8.61 -16.47
C ALA B 118 5.78 9.44 -16.04
N SER B 119 5.48 9.45 -14.74
CA SER B 119 4.37 10.26 -14.26
C SER B 119 4.60 11.73 -14.54
N ALA B 120 5.84 12.20 -14.35
CA ALA B 120 6.12 13.61 -14.58
C ALA B 120 5.99 13.97 -16.06
N LEU B 121 6.53 13.12 -16.96
CA LEU B 121 6.46 13.47 -18.39
C LEU B 121 5.02 13.43 -18.89
N ALA B 122 4.22 12.46 -18.44
CA ALA B 122 2.83 12.42 -18.86
C ALA B 122 2.06 13.62 -18.31
N SER B 123 2.37 14.03 -17.09
CA SER B 123 1.67 15.19 -16.53
C SER B 123 2.04 16.46 -17.27
N ALA B 124 3.31 16.60 -17.67
CA ALA B 124 3.71 17.79 -18.43
C ALA B 124 3.00 17.84 -19.78
N LEU B 125 2.90 16.68 -20.43
CA LEU B 125 2.25 16.60 -21.73
C LEU B 125 0.77 16.90 -21.62
N LEU B 126 0.10 16.35 -20.62
CA LEU B 126 -1.36 16.33 -20.60
C LEU B 126 -1.95 17.36 -19.65
N GLY B 127 -1.14 18.23 -19.06
CA GLY B 127 -1.66 19.33 -18.25
C GLY B 127 -2.14 18.96 -16.86
N LEU B 128 -1.34 18.17 -16.13
CA LEU B 128 -1.62 17.77 -14.76
C LEU B 128 -0.48 18.23 -13.86
N LYS B 129 -0.82 18.59 -12.62
CA LYS B 129 0.16 19.02 -11.61
C LYS B 129 0.59 17.81 -10.79
N CYS B 130 1.86 17.42 -10.92
CA CYS B 130 2.32 16.12 -10.48
C CYS B 130 3.22 16.25 -9.26
N ARG B 131 2.94 15.46 -8.22
CA ARG B 131 3.82 15.39 -7.06
C ARG B 131 4.21 13.94 -6.83
N ILE B 132 5.50 13.73 -6.58
N ILE B 132 5.50 13.70 -6.56
CA ILE B 132 6.12 12.41 -6.51
CA ILE B 132 6.05 12.35 -6.54
C ILE B 132 6.65 12.20 -5.10
C ILE B 132 6.76 12.11 -5.21
N TYR B 133 6.38 11.04 -4.52
CA TYR B 133 7.01 10.62 -3.27
C TYR B 133 8.12 9.62 -3.58
N MET B 134 9.30 9.84 -3.00
CA MET B 134 10.47 9.01 -3.28
C MET B 134 11.27 8.84 -2.00
N GLY B 135 11.57 7.60 -1.65
CA GLY B 135 12.40 7.36 -0.47
C GLY B 135 13.75 8.04 -0.59
N ALA B 136 14.20 8.61 0.53
CA ALA B 136 15.46 9.38 0.52
C ALA B 136 16.66 8.51 0.13
N LYS B 137 16.67 7.23 0.50
CA LYS B 137 17.73 6.35 0.03
C LYS B 137 17.71 6.23 -1.49
N ASP B 138 16.52 6.10 -2.08
CA ASP B 138 16.39 5.95 -3.53
C ASP B 138 16.70 7.26 -4.25
N VAL B 139 16.41 8.38 -3.61
CA VAL B 139 16.81 9.67 -4.16
C VAL B 139 18.30 9.65 -4.52
N GLU B 140 19.11 9.05 -3.64
CA GLU B 140 20.55 9.03 -3.88
C GLU B 140 20.97 7.98 -4.91
N ARG B 141 20.57 6.70 -4.70
CA ARG B 141 21.06 5.65 -5.59
C ARG B 141 20.40 5.66 -6.97
N GLN B 142 19.40 6.52 -7.20
CA GLN B 142 18.77 6.64 -8.51
C GLN B 142 18.63 8.11 -8.91
N SER B 143 19.57 8.94 -8.47
CA SER B 143 19.52 10.40 -8.64
C SER B 143 19.35 10.92 -10.07
N PRO B 144 19.83 10.24 -11.13
CA PRO B 144 19.61 10.77 -12.48
C PRO B 144 18.14 11.01 -12.80
N ASN B 145 17.23 10.37 -12.07
CA ASN B 145 15.81 10.50 -12.33
C ASN B 145 15.16 11.62 -11.51
N VAL B 146 15.70 11.91 -10.33
N VAL B 146 15.81 12.15 -10.47
CA VAL B 146 15.28 13.08 -9.56
CA VAL B 146 15.18 13.19 -9.64
C VAL B 146 15.55 14.34 -10.35
C VAL B 146 15.11 14.53 -10.38
N PHE B 147 16.68 14.36 -11.08
N PHE B 147 16.25 15.05 -10.86
CA PHE B 147 16.98 15.47 -11.96
CA PHE B 147 16.21 16.32 -11.59
C PHE B 147 15.94 15.55 -13.07
C PHE B 147 15.46 16.16 -12.91
N ARG B 148 15.62 14.42 -13.71
N ARG B 148 15.57 14.99 -13.54
CA ARG B 148 14.66 14.43 -14.81
CA ARG B 148 14.72 14.66 -14.68
C ARG B 148 13.29 14.94 -14.34
C ARG B 148 13.26 14.93 -14.36
N MET B 149 12.79 14.40 -13.22
CA MET B 149 11.45 14.74 -12.75
C MET B 149 11.29 16.24 -12.51
N ARG B 150 12.25 16.86 -11.83
CA ARG B 150 12.09 18.28 -11.49
C ARG B 150 12.20 19.17 -12.73
N LEU B 151 13.00 18.77 -13.73
CA LEU B 151 13.06 19.56 -14.96
C LEU B 151 11.70 19.60 -15.66
N MET B 152 10.90 18.53 -15.55
CA MET B 152 9.60 18.48 -16.18
C MET B 152 8.49 19.06 -15.31
N GLY B 153 8.84 19.77 -14.23
CA GLY B 153 7.85 20.51 -13.47
C GLY B 153 7.23 19.77 -12.30
N ALA B 154 7.59 18.51 -12.08
CA ALA B 154 7.01 17.74 -10.99
C ALA B 154 7.61 18.15 -9.64
N GLU B 155 6.79 18.06 -8.60
CA GLU B 155 7.26 18.21 -7.23
C GLU B 155 7.73 16.86 -6.74
N VAL B 156 8.94 16.80 -6.20
CA VAL B 156 9.52 15.54 -5.72
C VAL B 156 9.70 15.70 -4.21
N ILE B 157 9.09 14.78 -3.45
CA ILE B 157 9.04 14.85 -1.99
C ILE B 157 9.84 13.70 -1.39
N PRO B 158 11.01 13.95 -0.82
CA PRO B 158 11.78 12.87 -0.19
C PRO B 158 11.07 12.35 1.04
N VAL B 159 11.11 11.03 1.21
CA VAL B 159 10.48 10.35 2.33
C VAL B 159 11.57 9.73 3.18
N HIS B 160 11.72 10.21 4.41
CA HIS B 160 12.75 9.72 5.32
C HIS B 160 12.24 8.64 6.27
N SER B 161 10.95 8.37 6.28
CA SER B 161 10.37 7.42 7.22
C SER B 161 10.75 5.99 6.87
N GLY B 162 10.77 5.12 7.91
CA GLY B 162 10.98 3.70 7.71
C GLY B 162 12.32 3.38 7.07
N SER B 163 12.29 2.58 6.01
CA SER B 163 13.50 2.24 5.27
C SER B 163 13.93 3.32 4.28
N ALA B 164 13.15 4.41 4.16
CA ALA B 164 13.48 5.51 3.24
C ALA B 164 13.62 5.01 1.81
N THR B 165 12.77 4.05 1.44
CA THR B 165 12.79 3.42 0.12
C THR B 165 11.35 3.33 -0.36
N LEU B 166 11.13 2.46 -1.36
CA LEU B 166 9.87 2.43 -2.11
C LEU B 166 8.65 2.20 -1.22
N LYS B 167 8.72 1.21 -0.30
N LYS B 167 8.73 1.23 -0.30
CA LYS B 167 7.59 0.96 0.60
CA LYS B 167 7.62 0.94 0.60
C LYS B 167 7.13 2.25 1.28
C LYS B 167 7.15 2.21 1.32
N ASP B 168 8.09 3.03 1.77
CA ASP B 168 7.76 4.24 2.52
C ASP B 168 7.17 5.31 1.60
N ALA B 169 7.67 5.41 0.38
CA ALA B 169 7.05 6.29 -0.61
C ALA B 169 5.61 5.87 -0.90
N CYS B 170 5.37 4.56 -1.05
CA CYS B 170 4.00 4.08 -1.23
C CYS B 170 3.10 4.53 -0.09
N ASN B 171 3.57 4.36 1.15
CA ASN B 171 2.78 4.75 2.31
C ASN B 171 2.36 6.21 2.24
N GLU B 172 3.31 7.09 1.93
CA GLU B 172 2.97 8.51 1.96
C GLU B 172 2.10 8.90 0.77
N ALA B 173 2.29 8.26 -0.39
CA ALA B 173 1.39 8.52 -1.51
C ALA B 173 -0.05 8.19 -1.14
N LEU B 174 -0.28 7.04 -0.49
CA LEU B 174 -1.64 6.66 -0.11
C LEU B 174 -2.19 7.58 0.97
N ARG B 175 -1.39 7.92 1.98
CA ARG B 175 -1.84 8.89 2.98
C ARG B 175 -2.28 10.18 2.32
N ASP B 176 -1.45 10.70 1.39
CA ASP B 176 -1.79 11.93 0.69
C ASP B 176 -3.11 11.77 -0.07
N TRP B 177 -3.26 10.67 -0.80
CA TRP B 177 -4.46 10.50 -1.60
C TRP B 177 -5.72 10.46 -0.74
N SER B 178 -5.62 9.88 0.46
CA SER B 178 -6.81 9.79 1.29
C SER B 178 -7.33 11.15 1.74
N GLY B 179 -6.51 12.20 1.63
CA GLY B 179 -6.95 13.56 1.90
C GLY B 179 -7.00 14.48 0.71
N SER B 180 -6.81 13.98 -0.51
CA SER B 180 -6.83 14.85 -1.68
C SER B 180 -7.52 14.25 -2.89
N TYR B 181 -8.24 13.13 -2.72
CA TYR B 181 -8.75 12.34 -3.84
C TYR B 181 -9.78 13.08 -4.70
N GLU B 182 -10.42 14.13 -4.18
CA GLU B 182 -11.39 14.84 -5.01
C GLU B 182 -10.71 15.55 -6.17
N THR B 183 -9.46 15.98 -5.97
CA THR B 183 -8.74 16.69 -7.01
C THR B 183 -7.53 15.96 -7.56
N ALA B 184 -7.01 14.97 -6.85
CA ALA B 184 -5.79 14.28 -7.27
C ALA B 184 -6.10 12.83 -7.61
N HIS B 185 -5.55 12.36 -8.72
CA HIS B 185 -5.56 10.93 -9.03
C HIS B 185 -4.26 10.31 -8.54
N TYR B 186 -4.35 9.16 -7.88
CA TYR B 186 -3.17 8.43 -7.46
C TYR B 186 -2.74 7.51 -8.61
N MET B 187 -1.63 7.87 -9.25
CA MET B 187 -1.11 7.10 -10.38
C MET B 187 -0.16 6.05 -9.84
N LEU B 188 -0.76 5.00 -9.26
CA LEU B 188 0.00 3.88 -8.71
C LEU B 188 0.85 3.25 -9.81
N GLY B 189 2.11 2.96 -9.46
CA GLY B 189 3.10 2.59 -10.44
C GLY B 189 3.32 1.11 -10.70
N THR B 190 2.46 0.23 -10.19
CA THR B 190 2.68 -1.20 -10.41
C THR B 190 1.35 -1.92 -10.39
N ALA B 191 1.39 -3.22 -10.75
CA ALA B 191 0.20 -4.07 -10.75
C ALA B 191 -0.09 -4.64 -9.37
N ALA B 192 -0.31 -3.74 -8.42
CA ALA B 192 -0.54 -4.12 -7.03
C ALA B 192 -1.41 -3.03 -6.41
N GLY B 193 -1.62 -3.12 -5.11
CA GLY B 193 -2.49 -2.20 -4.44
C GLY B 193 -3.94 -2.65 -4.52
N PRO B 194 -4.86 -1.78 -4.10
CA PRO B 194 -6.27 -2.16 -4.09
C PRO B 194 -6.85 -2.22 -5.49
N HIS B 195 -7.81 -3.12 -5.67
CA HIS B 195 -8.61 -3.10 -6.88
C HIS B 195 -9.18 -1.70 -7.06
N PRO B 196 -9.14 -1.14 -8.28
CA PRO B 196 -8.88 -1.82 -9.54
C PRO B 196 -7.46 -1.73 -10.11
N TYR B 197 -6.49 -1.29 -9.32
CA TYR B 197 -5.17 -1.05 -9.89
C TYR B 197 -4.54 -2.30 -10.49
N PRO B 198 -4.53 -3.48 -9.85
CA PRO B 198 -3.85 -4.62 -10.51
C PRO B 198 -4.46 -4.95 -11.87
N THR B 199 -5.78 -4.78 -12.02
CA THR B 199 -6.45 -5.02 -13.29
C THR B 199 -6.13 -3.93 -14.30
N ILE B 200 -6.25 -2.66 -13.90
CA ILE B 200 -5.98 -1.55 -14.81
C ILE B 200 -4.55 -1.60 -15.31
N VAL B 201 -3.60 -1.82 -14.40
CA VAL B 201 -2.18 -1.77 -14.77
C VAL B 201 -1.85 -2.91 -15.75
N ARG B 202 -2.39 -4.11 -15.52
CA ARG B 202 -2.23 -5.19 -16.49
C ARG B 202 -2.77 -4.81 -17.86
N GLU B 203 -4.00 -4.30 -17.91
CA GLU B 203 -4.60 -4.02 -19.22
C GLU B 203 -3.87 -2.90 -19.94
N PHE B 204 -3.26 -1.98 -19.21
CA PHE B 204 -2.52 -0.89 -19.81
C PHE B 204 -1.06 -1.22 -20.04
N GLN B 205 -0.63 -2.45 -19.68
CA GLN B 205 0.70 -2.96 -20.02
C GLN B 205 0.66 -4.14 -20.98
N ARG B 206 -0.53 -4.64 -21.34
CA ARG B 206 -0.58 -5.93 -22.02
C ARG B 206 -0.05 -5.88 -23.45
N MET B 207 0.13 -4.67 -24.02
CA MET B 207 0.74 -4.59 -25.33
C MET B 207 2.16 -5.13 -25.36
N ILE B 208 2.85 -5.20 -24.20
CA ILE B 208 4.20 -5.77 -24.18
C ILE B 208 4.16 -7.21 -24.69
N GLY B 209 3.29 -8.03 -24.09
CA GLY B 209 3.17 -9.42 -24.50
C GLY B 209 2.53 -9.58 -25.86
N GLU B 210 1.54 -8.74 -26.19
CA GLU B 210 0.89 -8.85 -27.50
C GLU B 210 1.91 -8.62 -28.60
N GLU B 211 2.72 -7.56 -28.48
CA GLU B 211 3.74 -7.30 -29.47
C GLU B 211 4.75 -8.44 -29.51
N THR B 212 5.24 -8.85 -28.34
CA THR B 212 6.21 -9.95 -28.25
C THR B 212 5.70 -11.18 -29.00
N LYS B 213 4.43 -11.55 -28.74
CA LYS B 213 3.86 -12.71 -29.41
C LYS B 213 3.92 -12.57 -30.93
N ALA B 214 3.45 -11.42 -31.46
CA ALA B 214 3.47 -11.20 -32.90
C ALA B 214 4.88 -11.19 -33.44
N GLN B 215 5.81 -10.60 -32.69
CA GLN B 215 7.18 -10.49 -33.16
C GLN B 215 7.87 -11.86 -33.18
N ILE B 216 7.66 -12.68 -32.16
N ILE B 216 7.70 -12.65 -32.12
CA ILE B 216 8.31 -13.99 -32.18
CA ILE B 216 8.28 -13.99 -32.07
C ILE B 216 7.63 -14.93 -33.17
C ILE B 216 7.70 -14.86 -33.18
N LEU B 217 6.34 -14.74 -33.45
N LEU B 217 6.38 -14.77 -33.41
CA LEU B 217 5.70 -15.52 -34.50
CA LEU B 217 5.77 -15.55 -34.48
C LEU B 217 6.27 -15.15 -35.86
C LEU B 217 6.34 -15.17 -35.84
N ASP B 218 6.52 -13.87 -36.09
CA ASP B 218 7.08 -13.43 -37.35
C ASP B 218 8.51 -13.94 -37.53
N LYS B 219 9.32 -13.92 -36.47
CA LYS B 219 10.74 -14.25 -36.60
C LYS B 219 11.03 -15.73 -36.45
N GLU B 220 10.22 -16.45 -35.68
CA GLU B 220 10.51 -17.84 -35.36
C GLU B 220 9.41 -18.81 -35.75
N GLY B 221 8.24 -18.31 -36.16
CA GLY B 221 7.16 -19.19 -36.58
C GLY B 221 6.50 -19.97 -35.48
N ARG B 222 6.71 -19.60 -34.22
CA ARG B 222 6.18 -20.36 -33.10
C ARG B 222 6.20 -19.48 -31.86
N LEU B 223 5.57 -19.98 -30.79
CA LEU B 223 5.56 -19.29 -29.51
C LEU B 223 6.87 -19.54 -28.76
N PRO B 224 7.23 -18.64 -27.84
CA PRO B 224 8.41 -18.89 -26.99
C PRO B 224 8.20 -20.10 -26.10
N ASP B 225 9.31 -20.74 -25.73
CA ASP B 225 9.24 -21.74 -24.68
C ASP B 225 8.94 -21.11 -23.32
N ALA B 226 9.48 -19.91 -23.07
CA ALA B 226 9.19 -19.20 -21.84
C ALA B 226 9.48 -17.71 -22.03
N VAL B 227 8.73 -16.90 -21.28
CA VAL B 227 8.98 -15.47 -21.17
C VAL B 227 9.34 -15.19 -19.71
N ILE B 228 10.27 -14.27 -19.52
CA ILE B 228 10.95 -14.11 -18.24
C ILE B 228 10.98 -12.63 -17.91
N ALA B 229 10.52 -12.26 -16.70
CA ALA B 229 10.47 -10.85 -16.30
C ALA B 229 10.74 -10.70 -14.81
N CYS B 230 11.38 -9.60 -14.43
CA CYS B 230 11.58 -9.30 -13.02
C CYS B 230 10.26 -8.84 -12.40
N VAL B 231 10.17 -9.00 -11.08
CA VAL B 231 8.92 -8.75 -10.34
C VAL B 231 9.28 -7.88 -9.14
N GLY B 232 8.95 -6.60 -9.21
CA GLY B 232 9.04 -5.70 -8.07
C GLY B 232 7.67 -5.54 -7.41
N GLY B 233 6.71 -5.04 -8.18
CA GLY B 233 5.31 -5.06 -7.76
C GLY B 233 4.49 -5.89 -8.72
N GLY B 234 4.97 -6.04 -9.95
CA GLY B 234 4.33 -6.93 -10.89
C GLY B 234 3.99 -6.39 -12.27
N SER B 235 4.26 -5.11 -12.58
CA SER B 235 3.63 -4.57 -13.77
C SER B 235 4.33 -5.00 -15.06
N ASN B 236 5.67 -4.96 -15.13
CA ASN B 236 6.24 -5.35 -16.42
C ASN B 236 6.05 -6.85 -16.67
N ALA B 237 6.08 -7.64 -15.60
CA ALA B 237 5.91 -9.08 -15.75
C ALA B 237 4.49 -9.42 -16.18
N ILE B 238 3.48 -8.82 -15.54
CA ILE B 238 2.11 -9.14 -15.97
C ILE B 238 1.85 -8.57 -17.37
N GLY B 239 2.50 -7.45 -17.72
CA GLY B 239 2.38 -6.92 -19.08
C GLY B 239 2.91 -7.87 -20.12
N MET B 240 4.03 -8.53 -19.84
CA MET B 240 4.56 -9.55 -20.73
C MET B 240 3.72 -10.83 -20.72
N PHE B 241 3.27 -11.25 -19.52
CA PHE B 241 2.59 -12.54 -19.35
C PHE B 241 1.21 -12.56 -19.97
N ALA B 242 0.46 -11.46 -19.87
CA ALA B 242 -1.00 -11.52 -19.97
C ALA B 242 -1.45 -12.20 -21.25
N ASP B 243 -0.86 -11.83 -22.39
CA ASP B 243 -1.35 -12.38 -23.64
C ASP B 243 -0.93 -13.83 -23.86
N PHE B 244 -0.01 -14.35 -23.05
CA PHE B 244 0.41 -15.74 -23.11
C PHE B 244 -0.29 -16.65 -22.10
N ILE B 245 -1.09 -16.10 -21.17
CA ILE B 245 -1.64 -16.93 -20.10
C ILE B 245 -2.41 -18.11 -20.66
N ASN B 246 -3.18 -17.91 -21.73
CA ASN B 246 -3.96 -19.02 -22.29
C ASN B 246 -3.16 -19.90 -23.24
N ASP B 247 -1.90 -19.56 -23.52
CA ASP B 247 -1.04 -20.42 -24.33
C ASP B 247 -0.29 -21.31 -23.35
N THR B 248 -0.88 -22.47 -23.04
CA THR B 248 -0.40 -23.25 -21.90
C THR B 248 1.00 -23.81 -22.10
N SER B 249 1.50 -23.87 -23.33
CA SER B 249 2.86 -24.34 -23.57
C SER B 249 3.91 -23.31 -23.16
N VAL B 250 3.53 -22.05 -22.99
CA VAL B 250 4.49 -20.97 -22.78
C VAL B 250 4.72 -20.80 -21.28
N GLY B 251 5.95 -21.03 -20.85
CA GLY B 251 6.32 -20.79 -19.47
C GLY B 251 6.31 -19.31 -19.14
N LEU B 252 5.80 -18.99 -17.94
CA LEU B 252 5.78 -17.63 -17.42
C LEU B 252 6.68 -17.64 -16.19
N ILE B 253 7.83 -16.96 -16.27
CA ILE B 253 8.81 -17.00 -15.18
C ILE B 253 9.00 -15.59 -14.67
N GLY B 254 8.67 -15.38 -13.40
CA GLY B 254 8.90 -14.10 -12.74
C GLY B 254 10.07 -14.21 -11.79
N VAL B 255 10.90 -13.16 -11.77
CA VAL B 255 12.14 -13.14 -11.00
C VAL B 255 12.05 -12.10 -9.92
N GLU B 256 11.98 -12.55 -8.68
CA GLU B 256 12.03 -11.70 -7.50
C GLU B 256 13.49 -11.41 -7.12
N PRO B 257 13.77 -10.28 -6.48
CA PRO B 257 15.14 -10.00 -6.03
C PRO B 257 15.53 -10.85 -4.83
N GLY B 258 16.66 -11.55 -4.95
CA GLY B 258 17.20 -12.29 -3.84
C GLY B 258 18.12 -11.49 -2.96
N GLY B 259 18.41 -10.25 -3.35
CA GLY B 259 19.17 -9.38 -2.47
C GLY B 259 20.53 -9.96 -2.11
N HIS B 260 20.86 -9.96 -0.82
CA HIS B 260 22.10 -10.55 -0.36
C HIS B 260 22.04 -12.07 -0.26
N GLY B 261 20.91 -12.67 -0.63
CA GLY B 261 20.70 -14.09 -0.47
C GLY B 261 19.47 -14.32 0.37
N ILE B 262 18.60 -15.23 -0.07
CA ILE B 262 17.33 -15.45 0.64
C ILE B 262 17.61 -15.79 2.09
N GLU B 263 18.64 -16.59 2.34
CA GLU B 263 18.93 -17.03 3.69
C GLU B 263 19.34 -15.89 4.63
N THR B 264 19.77 -14.73 4.10
CA THR B 264 20.09 -13.58 4.95
C THR B 264 18.86 -12.81 5.41
N GLY B 265 17.71 -13.05 4.80
CA GLY B 265 16.52 -12.26 5.05
C GLY B 265 16.54 -10.89 4.40
N GLU B 266 17.62 -10.55 3.71
CA GLU B 266 17.77 -9.24 3.07
C GLU B 266 17.51 -9.46 1.59
N HIS B 267 16.23 -9.41 1.23
CA HIS B 267 15.77 -9.72 -0.11
C HIS B 267 14.42 -9.03 -0.34
N GLY B 268 13.88 -9.25 -1.51
CA GLY B 268 12.59 -8.70 -1.88
C GLY B 268 11.71 -9.77 -2.48
N ALA B 269 11.68 -10.98 -1.90
CA ALA B 269 11.04 -12.14 -2.52
C ALA B 269 9.87 -12.68 -1.71
N PRO B 270 8.84 -11.85 -1.49
CA PRO B 270 7.68 -12.31 -0.70
C PRO B 270 6.89 -13.43 -1.35
N LEU B 271 6.81 -13.46 -2.68
CA LEU B 271 5.93 -14.44 -3.31
C LEU B 271 6.41 -15.84 -2.96
N LYS B 272 7.72 -16.07 -2.99
CA LYS B 272 8.23 -17.40 -2.68
C LYS B 272 8.73 -17.56 -1.25
N HIS B 273 8.95 -16.46 -0.51
CA HIS B 273 9.56 -16.57 0.81
C HIS B 273 8.87 -15.72 1.85
N GLY B 274 7.73 -15.12 1.54
CA GLY B 274 6.90 -14.42 2.49
C GLY B 274 5.71 -15.26 2.90
N ARG B 275 4.65 -14.59 3.34
CA ARG B 275 3.40 -15.28 3.57
C ARG B 275 2.27 -14.27 3.47
N VAL B 276 1.08 -14.79 3.16
CA VAL B 276 -0.03 -13.92 2.83
C VAL B 276 -0.36 -12.99 4.00
N GLY B 277 -0.63 -11.72 3.67
CA GLY B 277 -0.96 -10.72 4.66
C GLY B 277 -1.82 -9.65 4.03
N ILE B 278 -2.14 -8.58 4.75
CA ILE B 278 -2.99 -7.51 4.24
C ILE B 278 -2.25 -6.20 4.46
N TYR B 279 -1.88 -5.53 3.36
CA TYR B 279 -1.12 -4.29 3.42
C TYR B 279 -1.17 -3.66 2.03
N PHE B 280 -1.02 -2.34 2.00
CA PHE B 280 -1.04 -1.56 0.74
C PHE B 280 -2.32 -1.83 -0.05
N GLY B 281 -3.43 -2.00 0.67
CA GLY B 281 -4.72 -2.14 0.03
C GLY B 281 -5.05 -3.51 -0.52
N MET B 282 -4.24 -4.52 -0.24
CA MET B 282 -4.45 -5.82 -0.87
C MET B 282 -4.12 -6.94 0.09
N LYS B 283 -4.73 -8.09 -0.16
CA LYS B 283 -4.32 -9.36 0.44
C LYS B 283 -3.37 -10.05 -0.53
N ALA B 284 -2.12 -10.24 -0.09
CA ALA B 284 -1.04 -10.62 -1.00
C ALA B 284 0.12 -11.15 -0.17
N PRO B 285 1.05 -11.88 -0.78
CA PRO B 285 2.24 -12.30 -0.04
C PRO B 285 3.02 -11.08 0.44
N MET B 286 3.43 -11.15 1.71
CA MET B 286 4.16 -10.08 2.40
C MET B 286 5.42 -10.64 3.03
N MET B 287 6.48 -9.85 3.03
CA MET B 287 7.54 -10.02 4.01
C MET B 287 7.05 -9.46 5.34
N GLN B 288 6.88 -10.32 6.34
CA GLN B 288 6.37 -9.84 7.61
C GLN B 288 7.00 -10.63 8.74
N THR B 289 7.00 -10.00 9.93
CA THR B 289 7.47 -10.67 11.13
C THR B 289 6.45 -11.72 11.58
N ALA B 290 6.88 -12.55 12.54
CA ALA B 290 5.98 -13.54 13.10
C ALA B 290 4.75 -12.87 13.69
N ASP B 291 4.91 -11.64 14.21
CA ASP B 291 3.85 -10.83 14.82
C ASP B 291 2.90 -10.18 13.83
N GLY B 292 3.22 -10.19 12.54
CA GLY B 292 2.40 -9.50 11.56
C GLY B 292 2.79 -8.07 11.29
N GLN B 293 3.99 -7.64 11.69
CA GLN B 293 4.50 -6.36 11.24
C GLN B 293 5.10 -6.53 9.84
N ILE B 294 4.91 -5.54 8.98
CA ILE B 294 5.44 -5.64 7.62
C ILE B 294 6.94 -5.39 7.68
N GLU B 295 7.71 -6.26 7.05
N GLU B 295 7.71 -6.25 7.04
CA GLU B 295 9.15 -6.11 7.09
CA GLU B 295 9.17 -6.17 7.07
C GLU B 295 9.61 -5.01 6.14
C GLU B 295 9.69 -5.23 5.98
N GLU B 296 10.88 -4.70 6.23
CA GLU B 296 11.57 -3.94 5.19
C GLU B 296 12.24 -4.93 4.24
N SER B 297 12.14 -4.65 2.97
CA SER B 297 12.78 -5.46 1.95
C SER B 297 14.19 -4.93 1.68
N TYR B 298 14.93 -5.65 0.85
CA TYR B 298 16.22 -5.17 0.38
C TYR B 298 16.50 -5.69 -1.03
N SER B 299 17.06 -4.82 -1.88
CA SER B 299 17.62 -5.22 -3.17
C SER B 299 18.64 -4.17 -3.59
N ILE B 300 19.69 -4.62 -4.30
CA ILE B 300 20.57 -3.65 -4.94
C ILE B 300 19.77 -2.75 -5.86
N SER B 301 18.64 -3.24 -6.37
CA SER B 301 17.85 -2.51 -7.35
C SER B 301 16.65 -1.86 -6.66
N ALA B 302 16.62 -0.52 -6.67
CA ALA B 302 15.56 0.21 -5.98
C ALA B 302 14.18 -0.13 -6.51
N GLY B 303 14.07 -0.47 -7.79
CA GLY B 303 12.77 -0.77 -8.37
C GLY B 303 12.18 -2.10 -7.96
N LEU B 304 13.01 -3.00 -7.42
CA LEU B 304 12.53 -4.28 -6.90
C LEU B 304 12.46 -4.31 -5.38
N ASP B 305 12.85 -3.23 -4.70
CA ASP B 305 12.97 -3.19 -3.25
C ASP B 305 11.60 -2.90 -2.64
N PHE B 306 10.76 -3.94 -2.60
CA PHE B 306 9.35 -3.76 -2.17
C PHE B 306 8.96 -5.06 -1.48
N PRO B 307 8.39 -5.01 -0.26
CA PRO B 307 8.16 -6.25 0.48
C PRO B 307 6.85 -6.96 0.19
N SER B 308 6.21 -6.65 -0.93
CA SER B 308 5.01 -7.39 -1.33
C SER B 308 5.06 -7.59 -2.83
N VAL B 309 3.92 -7.97 -3.39
CA VAL B 309 3.81 -8.35 -4.80
C VAL B 309 2.34 -8.31 -5.21
N GLY B 310 2.08 -8.02 -6.47
CA GLY B 310 0.72 -7.91 -6.95
C GLY B 310 -0.05 -9.22 -6.85
N PRO B 311 -1.37 -9.14 -6.66
CA PRO B 311 -2.14 -10.35 -6.37
C PRO B 311 -2.29 -11.30 -7.55
N GLN B 312 -2.21 -10.81 -8.80
CA GLN B 312 -2.37 -11.76 -9.89
C GLN B 312 -1.17 -12.69 -9.98
N HIS B 313 0.02 -12.20 -9.62
CA HIS B 313 1.18 -13.10 -9.59
C HIS B 313 1.05 -14.14 -8.48
N ALA B 314 0.55 -13.73 -7.32
CA ALA B 314 0.36 -14.71 -6.26
C ALA B 314 -0.62 -15.79 -6.71
N TYR B 315 -1.67 -15.40 -7.44
CA TYR B 315 -2.64 -16.35 -7.95
C TYR B 315 -2.04 -17.25 -9.02
N LEU B 316 -1.39 -16.67 -10.03
CA LEU B 316 -0.80 -17.49 -11.09
C LEU B 316 0.20 -18.49 -10.53
N ASN B 317 0.96 -18.08 -9.50
CA ASN B 317 1.82 -19.02 -8.81
C ASN B 317 1.03 -20.13 -8.13
N SER B 318 -0.02 -19.77 -7.40
N SER B 318 -0.02 -19.77 -7.39
CA SER B 318 -0.75 -20.74 -6.58
CA SER B 318 -0.74 -20.76 -6.58
C SER B 318 -1.30 -21.88 -7.44
C SER B 318 -1.29 -21.89 -7.44
N ILE B 319 -1.78 -21.57 -8.65
CA ILE B 319 -2.35 -22.60 -9.51
C ILE B 319 -1.31 -23.26 -10.39
N GLY B 320 -0.05 -22.84 -10.29
CA GLY B 320 1.01 -23.44 -11.09
C GLY B 320 1.12 -22.94 -12.51
N ARG B 321 0.40 -21.88 -12.87
CA ARG B 321 0.49 -21.40 -14.24
C ARG B 321 1.78 -20.65 -14.49
N ALA B 322 2.25 -19.89 -13.49
CA ALA B 322 3.51 -19.16 -13.58
C ALA B 322 4.43 -19.64 -12.48
N ASP B 323 5.74 -19.62 -12.77
CA ASP B 323 6.77 -20.03 -11.83
C ASP B 323 7.59 -18.82 -11.41
N TYR B 324 7.97 -18.76 -10.14
CA TYR B 324 8.72 -17.61 -9.62
C TYR B 324 10.01 -18.09 -8.97
N VAL B 325 11.08 -17.33 -9.23
CA VAL B 325 12.43 -17.66 -8.81
C VAL B 325 13.05 -16.38 -8.25
N SER B 326 14.27 -16.47 -7.75
CA SER B 326 14.98 -15.27 -7.29
C SER B 326 16.39 -15.23 -7.86
N ILE B 327 16.94 -14.02 -7.88
CA ILE B 327 18.26 -13.73 -8.41
C ILE B 327 18.91 -12.74 -7.44
N THR B 328 20.14 -13.04 -7.02
CA THR B 328 20.81 -12.21 -6.02
C THR B 328 21.39 -10.94 -6.66
N ASP B 329 21.81 -9.99 -5.81
CA ASP B 329 22.52 -8.81 -6.27
C ASP B 329 23.65 -9.20 -7.20
N ASP B 330 24.48 -10.16 -6.77
CA ASP B 330 25.69 -10.44 -7.53
C ASP B 330 25.35 -11.06 -8.88
N GLU B 331 24.33 -11.93 -8.90
CA GLU B 331 23.88 -12.51 -10.17
C GLU B 331 23.35 -11.42 -11.10
N ALA B 332 22.59 -10.47 -10.57
CA ALA B 332 22.09 -9.38 -11.40
C ALA B 332 23.22 -8.52 -11.95
N LEU B 333 24.23 -8.22 -11.11
CA LEU B 333 25.37 -7.43 -11.55
C LEU B 333 26.13 -8.11 -12.67
N GLU B 334 26.29 -9.43 -12.60
N GLU B 334 26.33 -9.44 -12.58
CA GLU B 334 27.04 -10.11 -13.66
CA GLU B 334 27.02 -10.13 -13.67
C GLU B 334 26.26 -10.11 -14.97
C GLU B 334 26.24 -10.00 -14.97
N ALA B 335 24.93 -10.18 -14.91
CA ALA B 335 24.12 -10.09 -16.12
C ALA B 335 24.18 -8.68 -16.69
N PHE B 336 24.18 -7.66 -15.82
CA PHE B 336 24.33 -6.28 -16.27
C PHE B 336 25.62 -6.12 -17.06
N LYS B 337 26.74 -6.55 -16.46
CA LYS B 337 28.04 -6.47 -17.11
C LYS B 337 28.06 -7.22 -18.44
N THR B 338 27.47 -8.42 -18.45
CA THR B 338 27.49 -9.26 -19.64
C THR B 338 26.72 -8.60 -20.79
N LEU B 339 25.55 -8.01 -20.50
CA LEU B 339 24.80 -7.37 -21.58
C LEU B 339 25.54 -6.13 -22.11
N CYS B 340 26.13 -5.32 -21.21
CA CYS B 340 26.88 -4.15 -21.67
C CYS B 340 27.99 -4.56 -22.62
N ARG B 341 28.78 -5.55 -22.21
N ARG B 341 28.77 -5.55 -22.22
CA ARG B 341 30.01 -5.88 -22.90
CA ARG B 341 30.01 -5.85 -22.93
C ARG B 341 29.79 -6.68 -24.17
C ARG B 341 29.80 -6.69 -24.17
N HIS B 342 28.75 -7.52 -24.21
CA HIS B 342 28.60 -8.44 -25.32
C HIS B 342 27.39 -8.18 -26.19
N GLU B 343 26.45 -7.33 -25.77
CA GLU B 343 25.38 -6.91 -26.68
C GLU B 343 25.31 -5.40 -26.84
N GLY B 344 26.11 -4.64 -26.09
CA GLY B 344 26.05 -3.19 -26.24
C GLY B 344 24.75 -2.59 -25.78
N ILE B 345 24.11 -3.20 -24.79
CA ILE B 345 22.88 -2.68 -24.23
C ILE B 345 23.09 -2.54 -22.73
N ILE B 346 22.82 -1.35 -22.20
CA ILE B 346 22.97 -1.10 -20.76
C ILE B 346 21.60 -1.26 -20.12
N PRO B 347 21.33 -2.35 -19.41
CA PRO B 347 19.99 -2.61 -18.87
C PRO B 347 19.83 -2.03 -17.48
N ALA B 348 18.57 -1.75 -17.13
CA ALA B 348 18.26 -1.42 -15.74
C ALA B 348 18.67 -2.59 -14.85
N LEU B 349 19.12 -2.29 -13.63
CA LEU B 349 19.44 -3.38 -12.71
C LEU B 349 18.22 -4.23 -12.40
N GLU B 350 17.00 -3.65 -12.42
CA GLU B 350 15.79 -4.45 -12.26
C GLU B 350 15.73 -5.52 -13.35
N SER B 351 15.79 -5.08 -14.61
CA SER B 351 15.72 -5.99 -15.76
C SER B 351 16.87 -6.99 -15.75
N SER B 352 18.01 -6.59 -15.20
CA SER B 352 19.16 -7.48 -15.13
C SER B 352 18.87 -8.73 -14.32
N HIS B 353 17.90 -8.65 -13.38
CA HIS B 353 17.52 -9.86 -12.64
C HIS B 353 16.85 -10.88 -13.58
N ALA B 354 15.98 -10.40 -14.47
CA ALA B 354 15.34 -11.29 -15.45
C ALA B 354 16.40 -11.88 -16.38
N LEU B 355 17.27 -11.04 -16.92
CA LEU B 355 18.37 -11.52 -17.75
C LEU B 355 19.19 -12.58 -17.04
N ALA B 356 19.56 -12.31 -15.78
CA ALA B 356 20.41 -13.26 -15.05
C ALA B 356 19.76 -14.63 -14.98
N HIS B 357 18.43 -14.68 -14.77
CA HIS B 357 17.81 -15.99 -14.69
C HIS B 357 17.80 -16.68 -16.05
N ALA B 358 17.58 -15.93 -17.13
CA ALA B 358 17.64 -16.52 -18.45
C ALA B 358 19.02 -17.09 -18.75
N LEU B 359 20.07 -16.36 -18.34
CA LEU B 359 21.44 -16.84 -18.54
C LEU B 359 21.68 -18.10 -17.73
N LYS B 360 21.09 -18.18 -16.54
N LYS B 360 21.10 -18.18 -16.53
CA LYS B 360 21.20 -19.39 -15.74
CA LYS B 360 21.21 -19.41 -15.75
C LYS B 360 20.48 -20.56 -16.42
C LYS B 360 20.49 -20.57 -16.43
N MET B 361 19.29 -20.32 -16.96
CA MET B 361 18.58 -21.37 -17.71
C MET B 361 19.44 -21.92 -18.84
N MET B 362 20.13 -21.03 -19.55
CA MET B 362 21.01 -21.44 -20.62
C MET B 362 22.24 -22.18 -20.10
N ARG B 363 22.96 -21.57 -19.15
CA ARG B 363 24.23 -22.15 -18.70
C ARG B 363 24.03 -23.48 -17.99
N GLU B 364 22.92 -23.63 -17.27
CA GLU B 364 22.73 -24.86 -16.49
C GLU B 364 22.49 -26.06 -17.39
N GLN B 365 21.92 -25.83 -18.58
CA GLN B 365 21.53 -26.91 -19.49
C GLN B 365 21.83 -26.45 -20.91
N PRO B 366 23.12 -26.38 -21.27
CA PRO B 366 23.50 -25.66 -22.50
C PRO B 366 23.13 -26.39 -23.76
N GLU B 367 22.81 -27.68 -23.69
N GLU B 367 22.82 -27.68 -23.70
CA GLU B 367 22.37 -28.45 -24.84
CA GLU B 367 22.36 -28.40 -24.88
C GLU B 367 20.86 -28.64 -24.85
C GLU B 367 20.84 -28.51 -24.95
N LYS B 368 20.13 -27.92 -23.99
CA LYS B 368 18.68 -27.87 -24.04
C LYS B 368 18.24 -26.85 -25.07
N GLU B 369 17.43 -27.29 -26.03
CA GLU B 369 16.89 -26.37 -27.02
C GLU B 369 15.81 -25.53 -26.38
N GLN B 370 15.99 -24.20 -26.36
CA GLN B 370 14.94 -23.37 -25.77
C GLN B 370 14.93 -22.00 -26.41
N LEU B 371 13.73 -21.51 -26.65
CA LEU B 371 13.47 -20.19 -27.23
C LEU B 371 12.92 -19.32 -26.11
N LEU B 372 13.68 -18.31 -25.70
CA LEU B 372 13.35 -17.54 -24.50
C LEU B 372 13.23 -16.07 -24.85
N VAL B 373 12.32 -15.37 -24.16
CA VAL B 373 12.21 -13.92 -24.26
C VAL B 373 12.39 -13.34 -22.86
N VAL B 374 13.26 -12.35 -22.73
CA VAL B 374 13.42 -11.58 -21.50
C VAL B 374 12.79 -10.22 -21.72
N ASN B 375 11.94 -9.79 -20.79
CA ASN B 375 11.40 -8.43 -20.84
C ASN B 375 12.49 -7.49 -20.35
N LEU B 376 13.10 -6.74 -21.28
CA LEU B 376 14.13 -5.79 -20.88
C LEU B 376 13.41 -4.50 -20.49
N SER B 377 12.94 -4.50 -19.24
CA SER B 377 11.97 -3.53 -18.79
C SER B 377 12.49 -2.09 -18.78
N GLY B 378 13.81 -1.87 -18.67
CA GLY B 378 14.30 -0.50 -18.71
C GLY B 378 15.77 -0.44 -19.05
N ARG B 379 16.22 0.79 -19.36
CA ARG B 379 17.63 1.02 -19.56
C ARG B 379 18.31 1.42 -18.24
N GLY B 380 19.62 1.30 -18.24
CA GLY B 380 20.38 1.35 -17.01
C GLY B 380 21.08 2.64 -16.73
N ASP B 381 20.80 3.73 -17.48
CA ASP B 381 21.48 5.00 -17.23
C ASP B 381 21.36 5.42 -15.78
N LYS B 382 20.21 5.18 -15.15
CA LYS B 382 20.04 5.56 -13.76
C LYS B 382 20.92 4.76 -12.82
N ASP B 383 21.49 3.64 -13.28
CA ASP B 383 22.24 2.71 -12.47
C ASP B 383 23.76 2.81 -12.63
N ILE B 384 24.23 3.60 -13.61
CA ILE B 384 25.64 3.52 -13.99
C ILE B 384 26.53 4.00 -12.86
N PHE B 385 26.06 4.97 -12.07
CA PHE B 385 26.85 5.45 -10.93
C PHE B 385 26.90 4.41 -9.82
N THR B 386 25.74 3.83 -9.47
CA THR B 386 25.71 2.78 -8.46
C THR B 386 26.59 1.60 -8.85
N VAL B 387 26.53 1.18 -10.13
CA VAL B 387 27.36 0.06 -10.57
C VAL B 387 28.83 0.44 -10.55
N HIS B 388 29.15 1.69 -10.89
CA HIS B 388 30.53 2.16 -10.82
C HIS B 388 31.09 2.01 -9.41
N ASP B 389 30.37 2.51 -8.41
CA ASP B 389 30.88 2.47 -7.05
C ASP B 389 31.06 1.04 -6.55
N ILE B 390 30.20 0.11 -7.01
CA ILE B 390 30.34 -1.27 -6.58
C ILE B 390 31.59 -1.90 -7.18
N LEU B 391 31.74 -1.80 -8.51
CA LEU B 391 32.89 -2.42 -9.15
C LEU B 391 34.20 -1.76 -8.75
N LYS B 392 34.16 -0.45 -8.44
CA LYS B 392 35.37 0.20 -7.93
C LYS B 392 35.78 -0.40 -6.59
N ALA B 393 34.81 -0.58 -5.68
CA ALA B 393 35.09 -1.20 -4.39
C ALA B 393 35.49 -2.66 -4.50
N ARG B 394 35.28 -3.29 -5.66
CA ARG B 394 35.76 -4.64 -5.93
C ARG B 394 37.14 -4.66 -6.57
N GLY B 395 37.71 -3.51 -6.88
CA GLY B 395 38.97 -3.45 -7.59
C GLY B 395 38.87 -3.76 -9.07
N GLU B 396 37.66 -3.85 -9.62
CA GLU B 396 37.49 -4.13 -11.04
C GLU B 396 37.74 -2.88 -11.88
S DMS C . -17.17 -8.50 26.02
O DMS C . -17.86 -7.38 25.28
C1 DMS C . -16.26 -9.54 24.86
C2 DMS C . -15.77 -7.87 26.97
S DMS D . -15.46 -4.79 10.76
O DMS D . -15.45 -5.72 11.93
C1 DMS D . -15.98 -3.16 11.36
C2 DMS D . -13.76 -4.39 10.22
C1 F9F E . -8.94 5.51 11.72
C2 F9F E . -7.74 5.82 12.35
C3 F9F E . -7.73 6.10 13.70
C4 F9F E . -8.91 6.09 14.42
C5 F9F E . -10.10 5.77 13.79
C6 F9F E . -10.12 5.49 12.44
O7 F9F E . -8.91 5.23 10.34
C8 F9F E . -10.04 4.98 9.69
F9F F9F E . -10.88 5.99 9.74
F10 F9F E . -9.78 4.75 8.43
F11 F9F E . -10.66 3.93 10.16
S12 F9F E . -8.88 6.46 16.14
N13 F9F E . -7.93 7.74 16.32
C14 F9F E . -8.42 8.97 15.69
C15 F9F E . -7.78 10.17 16.28
O16 F9F E . -7.90 11.24 15.32
P17 F9F E . -7.02 12.52 15.60
O18 F9F E . -7.13 13.38 14.37
O19 F9F E . -5.66 11.98 15.84
O20 F9F E . -7.62 13.15 16.82
O21 F9F E . -8.27 5.38 16.83
O22 F9F E . -10.18 6.89 16.52
C1 EDO F . 2.34 -16.36 12.88
O1 EDO F . 3.50 -16.71 12.13
C2 EDO F . 1.18 -16.09 11.95
O2 EDO F . 0.73 -17.29 11.32
C1 EDO G . -4.08 -12.53 18.16
O1 EDO G . -2.86 -11.78 18.24
C2 EDO G . -4.04 -13.73 19.10
O2 EDO G . -3.95 -14.95 18.33
C1 EDO H . -17.33 5.94 1.49
O1 EDO H . -18.59 6.60 1.31
C2 EDO H . -17.37 4.45 1.20
O2 EDO H . -18.05 4.07 -0.01
S DMS I . -22.25 -6.24 20.65
O DMS I . -22.08 -6.10 22.14
C1 DMS I . -21.27 -7.67 20.07
C2 DMS I . -23.93 -6.81 20.27
S DMS J . -27.08 -2.22 15.52
O DMS J . -27.83 -2.85 14.39
C1 DMS J . -26.83 -0.48 15.17
C2 DMS J . -28.16 -2.07 16.97
CL CL K . -6.77 16.41 5.18
CL CL K . -8.28 16.37 3.84
CL CL L . 14.83 2.05 13.92
CL CL M . -27.35 12.84 25.18
N1 1D0 N . 11.85 -2.53 -14.37
C2 1D0 N . 6.14 0.93 -7.48
C4 1D0 N . 5.55 -0.93 -6.08
C5 1D0 N . 6.56 -1.69 -6.63
C6 1D0 N . 7.38 -1.14 -7.61
O 1D0 N . 6.02 2.18 -7.97
C3 1D0 N . 5.32 0.36 -6.51
C1 1D0 N . 7.17 0.16 -8.01
N 1D0 N . 7.95 0.79 -8.93
O3P 1D0 N . 7.37 -5.08 -11.06
P 1D0 N . 7.31 -3.78 -11.78
O1P 1D0 N . 6.09 -2.99 -11.48
O2P 1D0 N . 7.54 -3.93 -13.25
O4P 1D0 N . 8.50 -2.90 -11.20
C5M 1D0 N . 9.89 -3.34 -11.29
C51 1D0 N . 10.66 -2.56 -12.30
C61 1D0 N . 11.13 -3.17 -13.44
C41 1D0 N . 10.93 -1.20 -12.14
C31 1D0 N . 11.68 -0.53 -13.13
O3 1D0 N . 12.01 0.79 -13.07
C21 1D0 N . 12.11 -1.23 -14.24
C2A 1D0 N . 12.91 -0.55 -15.29
C4A 1D0 N . 10.43 -0.50 -10.90
N2 1D0 N . 10.70 0.93 -10.73
CA 1D0 N . 10.01 1.59 -9.90
C 1D0 N . 9.88 2.91 -10.15
O1 1D0 N . 9.26 3.57 -9.35
OXT 1D0 N . 10.34 3.35 -11.15
CB 1D0 N . 9.37 0.95 -8.73
C1 PEG O . 21.77 -8.22 -30.62
O1 PEG O . 21.95 -7.42 -29.47
C2 PEG O . 21.40 -7.44 -31.88
O2 PEG O . 20.78 -8.29 -32.82
C3 PEG O . 19.93 -7.65 -33.74
C4 PEG O . 18.50 -7.61 -33.22
O4 PEG O . 17.82 -8.81 -33.51
C1 PEG P . -8.38 -15.28 -12.95
C1 PEG P . -8.62 -15.03 -11.35
O1 PEG P . -7.68 -14.17 -13.47
O1 PEG P . -7.78 -14.65 -12.41
C2 PEG P . -8.60 -15.14 -11.45
C2 PEG P . -9.98 -14.38 -11.52
O2 PEG P . -9.74 -15.89 -11.12
O2 PEG P . -9.89 -13.00 -11.24
C3 PEG P . -10.03 -16.05 -9.75
C3 PEG P . -9.64 -12.18 -12.34
C4 PEG P . -10.84 -14.88 -9.22
C4 PEG P . -10.38 -10.86 -12.16
O4 PEG P . -11.65 -15.29 -8.15
O4 PEG P . -9.97 -10.27 -10.96
C1 PEG Q . -4.84 -11.50 -19.47
O1 PEG Q . -4.87 -12.79 -20.02
C2 PEG Q . -5.98 -11.30 -18.47
O2 PEG Q . -5.59 -11.76 -17.20
C3 PEG Q . -6.67 -12.09 -16.38
C4 PEG Q . -7.31 -13.41 -16.82
O4 PEG Q . -6.33 -14.37 -17.18
C1 EDO R . 7.14 -14.05 6.19
O1 EDO R . 7.97 -12.95 5.82
C2 EDO R . 8.01 -15.23 6.62
O2 EDO R . 7.48 -16.42 6.03
C1 EDO S . 4.48 -24.15 -19.37
O1 EDO S . 4.33 -23.77 -18.01
C2 EDO S . 4.37 -25.67 -19.46
O2 EDO S . 4.70 -26.09 -20.79
C1 EDO T . 8.09 13.14 4.37
O1 EDO T . 8.77 12.01 4.94
C2 EDO T . 7.14 12.70 3.26
O2 EDO T . 5.79 13.09 3.55
C1 EDO U . 8.61 -20.14 2.24
O1 EDO U . 7.57 -19.17 2.42
C2 EDO U . 9.72 -19.91 3.27
O2 EDO U . 10.99 -19.77 2.60
S DMS V . 10.32 -17.99 -39.38
O DMS V . 11.45 -18.93 -39.05
C1 DMS V . 10.83 -16.94 -40.78
C2 DMS V . 8.95 -18.90 -40.12
S DMS W . 10.17 -1.97 -34.96
O DMS W . 11.48 -1.42 -34.43
C1 DMS W . 9.35 -2.85 -33.60
C2 DMS W . 9.00 -0.62 -35.25
S DMS X . -4.26 1.17 -26.93
O DMS X . -5.64 0.94 -27.45
C1 DMS X . -3.82 -0.16 -25.78
C2 DMS X . -3.05 0.84 -28.23
S DMS Y . -12.90 -13.52 -1.28
O DMS Y . -12.05 -14.04 -2.39
C1 DMS Y . -14.64 -13.47 -1.81
C2 DMS Y . -13.00 -14.76 0.04
S DMS Z . -10.30 15.48 -0.31
O DMS Z . -10.09 15.68 -1.78
C1 DMS Z . -10.02 17.05 0.52
C2 DMS Z . -12.06 15.24 -0.01
S DMS AA . 0.43 13.36 3.20
O DMS AA . -0.60 12.69 4.05
C1 DMS AA . 1.27 14.66 4.17
C2 DMS AA . 1.83 12.21 2.98
S DMS BA . 13.69 -15.70 4.34
O DMS BA . 13.24 -14.31 4.74
C1 DMS BA . 14.96 -16.33 5.47
C2 DMS BA . 12.35 -16.90 4.65
S DMS CA . 22.54 -18.77 -6.04
O DMS CA . 23.20 -20.11 -5.92
C1 DMS CA . 21.11 -18.71 -4.93
C2 DMS CA . 23.60 -17.52 -5.27
S DMS DA . 4.48 -19.86 -0.96
O DMS DA . 4.84 -19.79 -2.41
C1 DMS DA . 2.83 -20.59 -0.77
C2 DMS DA . 5.49 -21.13 -0.14
S DMS EA . -9.99 -2.27 -25.13
O DMS EA . -10.54 -3.41 -24.32
C1 DMS EA . -8.40 -2.77 -25.86
C2 DMS EA . -10.95 -2.08 -26.65
S DMS FA . 29.70 -14.42 -23.38
O DMS FA . 28.72 -13.83 -22.42
C1 DMS FA . 29.11 -16.04 -23.96
C2 DMS FA . 29.65 -13.50 -24.95
S DMS GA . -14.60 11.37 -6.04
O DMS GA . -14.59 10.03 -5.35
C1 DMS GA . -16.03 11.48 -7.13
C2 DMS GA . -15.06 12.66 -4.86
S DMS HA . 4.21 -6.21 -33.87
O DMS HA . 3.27 -5.53 -32.92
C1 DMS HA . 3.42 -6.31 -35.50
C2 DMS HA . 5.61 -5.12 -34.25
S DMS IA . 14.02 22.96 -12.13
O DMS IA . 13.87 23.51 -13.51
C1 DMS IA . 15.15 24.01 -11.17
C2 DMS IA . 12.48 23.23 -11.21
S DMS JA . 17.74 -14.04 8.75
O DMS JA . 18.60 -15.22 9.12
C1 DMS JA . 16.05 -14.60 8.41
C2 DMS JA . 17.47 -13.00 10.21
CL CL KA . 4.70 4.68 8.42
CL CL LA . 7.84 -24.48 -21.96
CL CL MA . -13.96 -0.90 -27.87
CL CL NA . -3.92 -11.99 -33.60
N 2AF OA . -16.77 -11.74 -9.42
O 2AF OA . -17.10 -10.23 -7.08
C1 2AF OA . -17.29 -10.39 -9.47
C2 2AF OA . -17.44 -9.66 -8.31
C3 2AF OA . -17.95 -8.36 -8.37
C4 2AF OA . -18.29 -7.81 -9.60
C5 2AF OA . -18.13 -8.55 -10.76
C6 2AF OA . -17.63 -9.83 -10.71
CS CS PA . 22.66 -19.99 -29.61
CS CS PA . 21.83 -20.42 -30.57
CS CS QA . 9.29 -7.44 -4.69
CS CS QA . 8.26 -9.24 -5.48
#